data_2OEV
#
_entry.id   2OEV
#
_cell.length_a   143.993
_cell.length_b   98.510
_cell.length_c   72.159
_cell.angle_alpha   90.00
_cell.angle_beta   105.64
_cell.angle_gamma   90.00
#
_symmetry.space_group_name_H-M   'C 1 2 1'
#
_entity_poly.entity_id   1
_entity_poly.type   'polypeptide(L)'
_entity_poly.pdbx_seq_one_letter_code
;GIDPFTHMATFISVQLKKTSEVDLAKPLVKFIQQTYPSGGEEQAQYCRAAEELSKLRRAAVGRPLDKHEGALETLLRYYD
QICSIEPKFPFSENQICLTFTWKDAFDKGSLFGGSVKLALASLGYEKSCVLFNCAALASQIAAEQNLDNDEGLKIAAKHY
QFASGAFLHIKETVLSALSREPTVDISPDTVGTLSLIMLAQAQEVFFLKATRDKMKDAIIAKLANQAADYFGDAFKQCQY
KDTLPKEVFPVLAAKHCIMQANAEYHQSILAKQQYYFGEEIARLQHAAELIKTVASRYDEYVNVKDFSDKINRALAAAKK
DNDFIYHDRVPDLKDLDPIGKATLVKSTPVNVPISQKFTDLFEKMVPVSVQQSLAAYNQRKADLVNRSIAQMREATTLAN
GVLASLNLPAAIEDVSGDTVPQSILTKSRSVIEQGGIQTVDQLIKELPELLQRNREILDESLRLLDEEEATDNDLRAKFK
ERWQRTPSNELYKPLRAEGTNFRTVLDKAVQADGQVKECYQSHRDTIVLLCKPEPELNAAIPSANPAKTMQGSEVVNVLK
SLLSNLDEVKKEREGLENDLKSVNFDMTSKFLTALAQDGVINEEALSVTELDRVYGGLTTKVQESLKKQEGLLKNIQVSH
QEFSKMKQSNNEANLREEVLKNLATAYDNFVELVANLKEGTKFYNELTEILVRFQNKCSDIVFAR
;
_entity_poly.pdbx_strand_id   A
#
# COMPACT_ATOMS: atom_id res chain seq x y z
N ALA A 9 6.80 48.72 -9.98
CA ALA A 9 6.68 48.82 -8.49
C ALA A 9 5.52 47.99 -7.89
N THR A 10 4.60 47.53 -8.74
CA THR A 10 3.32 46.93 -8.28
C THR A 10 3.06 45.53 -8.82
N PHE A 11 3.38 44.51 -8.03
CA PHE A 11 3.33 43.14 -8.50
C PHE A 11 2.25 42.31 -7.82
N ILE A 12 1.47 41.58 -8.62
CA ILE A 12 0.48 40.66 -8.10
C ILE A 12 1.21 39.65 -7.24
N SER A 13 0.76 39.48 -6.00
CA SER A 13 1.15 38.34 -5.18
C SER A 13 -0.10 37.64 -4.68
N VAL A 14 0.08 36.55 -3.95
CA VAL A 14 -1.05 35.74 -3.54
C VAL A 14 -0.96 35.41 -2.06
N GLN A 15 -2.00 35.82 -1.31
CA GLN A 15 -2.11 35.49 0.11
C GLN A 15 -2.20 33.99 0.32
N LEU A 16 -1.70 33.52 1.45
CA LEU A 16 -1.65 32.08 1.75
C LEU A 16 -3.03 31.47 2.02
N LYS A 17 -3.05 30.22 2.47
CA LYS A 17 -4.28 29.56 2.92
C LYS A 17 -4.15 29.07 4.36
N LYS A 18 -5.09 29.49 5.20
CA LYS A 18 -5.14 29.06 6.61
C LYS A 18 -5.61 27.61 6.74
N THR A 19 -5.24 26.96 7.84
CA THR A 19 -5.64 25.58 8.09
C THR A 19 -5.62 25.19 9.57
N SER A 20 -6.48 24.25 9.95
CA SER A 20 -6.61 23.78 11.33
C SER A 20 -5.52 22.76 11.70
N GLU A 21 -5.05 22.86 12.94
CA GLU A 21 -4.10 21.92 13.49
C GLU A 21 -4.79 20.60 13.83
N VAL A 22 -4.32 19.52 13.21
CA VAL A 22 -4.83 18.18 13.52
C VAL A 22 -3.71 17.28 14.04
N ASP A 23 -4.02 16.49 15.06
CA ASP A 23 -3.04 15.60 15.70
C ASP A 23 -2.60 14.51 14.71
N LEU A 24 -1.34 14.63 14.24
CA LEU A 24 -0.81 13.77 13.17
C LEU A 24 -0.48 12.33 13.56
N ALA A 25 0.16 12.15 14.70
CA ALA A 25 0.59 10.83 15.14
C ALA A 25 -0.56 9.95 15.68
N LYS A 26 -1.71 10.57 15.95
CA LYS A 26 -2.87 9.84 16.49
C LYS A 26 -3.47 8.79 15.53
N PRO A 27 -3.82 9.18 14.28
CA PRO A 27 -4.28 8.19 13.31
C PRO A 27 -3.18 7.57 12.45
N LEU A 28 -1.91 7.88 12.73
CA LEU A 28 -0.77 7.35 11.96
C LEU A 28 -0.02 6.22 12.68
N VAL A 29 0.14 6.37 14.00
CA VAL A 29 0.80 5.35 14.82
C VAL A 29 -0.09 4.11 14.97
N LYS A 30 -1.41 4.32 14.91
CA LYS A 30 -2.39 3.23 15.00
C LYS A 30 -2.32 2.25 13.82
N PHE A 31 -1.78 2.70 12.69
CA PHE A 31 -1.47 1.81 11.57
C PHE A 31 -0.11 1.15 11.78
N ILE A 32 0.73 1.75 12.62
CA ILE A 32 2.00 1.14 13.01
C ILE A 32 1.77 0.10 14.12
N GLN A 33 0.62 0.18 14.78
CA GLN A 33 0.11 -0.91 15.62
C GLN A 33 -0.18 -2.10 14.73
N GLN A 34 -0.91 -1.84 13.65
CA GLN A 34 -1.21 -2.84 12.63
C GLN A 34 0.07 -3.37 11.94
N THR A 35 1.10 -2.53 11.89
CA THR A 35 2.37 -2.88 11.24
C THR A 35 3.22 -3.83 12.11
N TYR A 36 3.98 -3.27 13.06
CA TYR A 36 4.87 -4.08 13.91
C TYR A 36 4.22 -4.47 15.24
N PRO A 37 4.42 -5.73 15.67
CA PRO A 37 3.83 -6.22 16.92
C PRO A 37 4.70 -5.98 18.17
N SER A 38 5.93 -5.51 17.99
CA SER A 38 6.90 -5.43 19.08
C SER A 38 7.34 -4.00 19.43
N GLY A 39 7.45 -3.75 20.73
CA GLY A 39 8.13 -2.55 21.24
C GLY A 39 9.62 -2.83 21.29
N GLY A 40 10.42 -1.84 20.91
CA GLY A 40 11.87 -2.00 20.79
C GLY A 40 12.28 -2.33 19.36
N GLU A 41 11.32 -2.80 18.57
CA GLU A 41 11.49 -3.06 17.14
C GLU A 41 11.55 -1.74 16.37
N GLU A 42 11.80 -1.80 15.07
CA GLU A 42 11.82 -0.61 14.20
C GLU A 42 10.59 0.27 14.40
N GLN A 43 9.51 -0.36 14.88
CA GLN A 43 8.31 0.33 15.33
C GLN A 43 8.62 1.57 16.17
N ALA A 44 9.81 1.58 16.79
CA ALA A 44 10.28 2.71 17.59
C ALA A 44 10.70 3.89 16.70
N GLN A 45 11.48 3.58 15.65
CA GLN A 45 11.97 4.58 14.71
C GLN A 45 10.84 5.30 13.94
N TYR A 46 9.77 4.56 13.64
CA TYR A 46 8.65 5.05 12.84
C TYR A 46 7.67 5.91 13.64
N CYS A 47 7.95 6.09 14.94
CA CYS A 47 7.18 6.97 15.81
C CYS A 47 8.03 8.14 16.30
N ARG A 48 9.35 7.98 16.20
CA ARG A 48 10.30 9.10 16.37
C ARG A 48 10.40 9.92 15.08
N ALA A 49 9.56 9.57 14.10
CA ALA A 49 9.42 10.34 12.87
C ALA A 49 7.96 10.76 12.68
N ALA A 50 7.05 9.97 13.25
CA ALA A 50 5.62 10.27 13.19
C ALA A 50 5.30 11.57 13.91
N GLU A 51 5.92 11.79 15.07
CA GLU A 51 5.75 13.03 15.81
C GLU A 51 6.71 14.11 15.32
N GLU A 52 7.77 13.69 14.64
CA GLU A 52 8.69 14.62 13.95
C GLU A 52 7.98 15.32 12.79
N LEU A 53 7.05 14.62 12.15
CA LEU A 53 6.22 15.17 11.08
C LEU A 53 5.15 16.13 11.62
N SER A 54 4.53 15.75 12.74
CA SER A 54 3.56 16.59 13.42
C SER A 54 4.20 17.92 13.81
N LYS A 55 5.50 17.85 14.10
CA LYS A 55 6.31 19.02 14.41
C LYS A 55 6.49 19.89 13.17
N LEU A 56 6.67 19.23 12.02
CA LEU A 56 6.91 19.93 10.75
C LEU A 56 5.67 20.69 10.27
N ARG A 57 4.51 20.04 10.27
CA ARG A 57 3.25 20.66 9.84
C ARG A 57 2.95 21.92 10.64
N ARG A 58 2.96 21.81 11.97
CA ARG A 58 2.73 22.95 12.87
C ARG A 58 3.67 24.12 12.56
N ALA A 59 4.96 23.81 12.38
CA ALA A 59 5.96 24.83 12.10
C ALA A 59 5.87 25.38 10.67
N ALA A 60 5.32 24.56 9.76
CA ALA A 60 5.20 24.95 8.37
C ALA A 60 3.92 25.74 8.09
N VAL A 61 2.77 25.14 8.38
CA VAL A 61 1.49 25.71 7.94
C VAL A 61 0.51 26.01 9.08
N GLY A 62 1.02 26.05 10.31
CA GLY A 62 0.18 26.40 11.46
C GLY A 62 0.01 27.90 11.63
N ARG A 63 0.88 28.66 10.96
CA ARG A 63 0.95 30.10 11.18
C ARG A 63 0.85 30.89 9.88
N PRO A 64 0.51 32.18 9.98
CA PRO A 64 0.99 33.12 8.97
C PRO A 64 2.53 33.23 9.13
N LEU A 65 3.27 33.02 8.05
CA LEU A 65 4.74 32.83 8.09
C LEU A 65 5.61 34.07 7.82
N ASP A 66 6.87 33.97 8.26
CA ASP A 66 7.85 35.03 8.09
C ASP A 66 8.54 34.91 6.73
N LYS A 67 8.02 35.69 5.77
CA LYS A 67 8.50 35.72 4.37
C LYS A 67 10.03 35.79 4.25
N HIS A 68 10.66 34.63 4.04
CA HIS A 68 12.11 34.53 4.13
C HIS A 68 12.73 33.63 3.05
N GLU A 69 13.25 32.49 3.48
CA GLU A 69 13.89 31.48 2.64
C GLU A 69 13.54 30.14 3.27
N GLY A 70 13.84 30.04 4.57
CA GLY A 70 13.52 28.86 5.36
C GLY A 70 12.02 28.68 5.45
N ALA A 71 11.31 29.78 5.67
CA ALA A 71 9.85 29.78 5.69
C ALA A 71 9.29 29.05 4.46
N LEU A 72 9.89 29.32 3.30
CA LEU A 72 9.59 28.54 2.10
C LEU A 72 10.13 27.11 2.22
N GLU A 73 11.44 26.96 2.39
CA GLU A 73 12.09 25.64 2.45
C GLU A 73 11.38 24.62 3.31
N THR A 74 10.90 25.07 4.47
CA THR A 74 10.11 24.23 5.35
C THR A 74 8.87 23.74 4.60
N LEU A 75 8.03 24.68 4.14
CA LEU A 75 6.84 24.38 3.34
C LEU A 75 7.12 23.42 2.18
N LEU A 76 8.30 23.56 1.59
CA LEU A 76 8.71 22.70 0.49
C LEU A 76 9.03 21.33 1.05
N ARG A 77 9.81 21.30 2.12
CA ARG A 77 10.27 20.05 2.73
C ARG A 77 9.13 19.32 3.43
N TYR A 78 8.05 20.05 3.67
CA TYR A 78 6.82 19.44 4.13
C TYR A 78 6.13 18.77 2.96
N TYR A 79 5.77 19.56 1.94
CA TYR A 79 5.16 19.03 0.71
C TYR A 79 5.90 17.78 0.23
N ASP A 80 7.22 17.85 0.26
CA ASP A 80 8.04 16.71 -0.06
C ASP A 80 7.60 15.53 0.78
N GLN A 81 7.79 15.64 2.09
CA GLN A 81 7.52 14.54 3.00
C GLN A 81 6.10 14.00 2.81
N ILE A 82 5.17 14.87 2.44
CA ILE A 82 3.79 14.46 2.15
C ILE A 82 3.76 13.43 1.03
N CYS A 83 4.12 13.87 -0.18
CA CYS A 83 4.09 12.98 -1.33
C CYS A 83 4.90 11.73 -1.04
N SER A 84 5.90 11.88 -0.16
CA SER A 84 6.80 10.80 0.21
C SER A 84 6.12 9.74 1.08
N ILE A 85 4.93 10.05 1.58
CA ILE A 85 4.23 9.21 2.54
C ILE A 85 3.01 8.49 1.97
N GLU A 86 2.36 9.07 0.96
CA GLU A 86 1.10 8.50 0.47
C GLU A 86 1.13 7.11 -0.18
N PRO A 87 2.26 6.72 -0.81
CA PRO A 87 2.29 5.33 -1.25
C PRO A 87 2.61 4.35 -0.11
N LYS A 88 2.15 4.65 1.10
CA LYS A 88 2.49 3.87 2.31
C LYS A 88 1.37 3.70 3.36
N PHE A 89 0.28 4.47 3.26
CA PHE A 89 -0.86 4.34 4.19
C PHE A 89 -2.24 4.55 3.53
N PRO A 90 -2.54 5.77 3.00
CA PRO A 90 -3.85 6.01 2.40
C PRO A 90 -3.94 5.56 0.93
N PHE A 91 -3.92 4.24 0.74
CA PHE A 91 -4.20 3.63 -0.56
C PHE A 91 -5.71 3.70 -0.80
N SER A 92 -6.47 2.80 -0.16
CA SER A 92 -7.92 2.83 -0.21
C SER A 92 -8.50 3.60 0.98
N GLU A 93 -7.60 3.99 1.91
CA GLU A 93 -7.96 4.66 3.17
C GLU A 93 -9.26 4.17 3.80
N ASN A 94 -9.23 2.93 4.32
CA ASN A 94 -10.39 2.24 4.89
C ASN A 94 -11.11 3.02 5.99
N GLN A 95 -10.41 3.25 7.11
CA GLN A 95 -10.93 4.06 8.21
C GLN A 95 -9.88 5.03 8.76
N ILE A 96 -8.63 4.86 8.34
CA ILE A 96 -7.50 5.71 8.76
C ILE A 96 -7.90 7.19 8.70
N CYS A 97 -8.33 7.71 9.85
CA CYS A 97 -9.02 9.00 9.90
C CYS A 97 -8.17 10.18 10.37
N LEU A 98 -7.57 10.85 9.41
CA LEU A 98 -6.99 12.16 9.62
C LEU A 98 -7.57 13.04 8.53
N THR A 99 -8.76 13.57 8.81
CA THR A 99 -9.48 14.41 7.86
C THR A 99 -8.87 15.81 7.91
N PHE A 100 -8.72 16.42 6.74
CA PHE A 100 -8.08 17.73 6.63
C PHE A 100 -9.09 18.84 6.37
N THR A 101 -8.83 20.00 6.96
CA THR A 101 -9.67 21.18 6.74
C THR A 101 -8.83 22.32 6.20
N TRP A 102 -9.26 22.87 5.07
CA TRP A 102 -8.57 23.99 4.45
C TRP A 102 -9.51 25.14 4.10
N LYS A 103 -9.07 26.37 4.33
CA LYS A 103 -9.89 27.55 4.12
C LYS A 103 -9.48 28.25 2.82
N ASP A 104 -10.47 28.66 2.03
CA ASP A 104 -10.24 29.29 0.74
C ASP A 104 -9.38 30.55 0.86
N ALA A 105 -8.70 30.90 -0.22
CA ALA A 105 -7.79 32.04 -0.22
C ALA A 105 -8.48 33.36 -0.59
N PHE A 106 -9.50 33.29 -1.45
CA PHE A 106 -10.25 34.47 -1.88
C PHE A 106 -11.75 34.26 -1.61
N ASP A 107 -12.16 34.69 -0.41
CA ASP A 107 -13.48 34.38 0.15
C ASP A 107 -14.65 34.54 -0.82
N LYS A 108 -14.88 35.77 -1.28
CA LYS A 108 -15.95 36.08 -2.25
C LYS A 108 -15.69 35.39 -3.60
N GLY A 109 -16.22 34.17 -3.71
CA GLY A 109 -16.21 33.40 -4.94
C GLY A 109 -17.59 32.82 -5.18
N SER A 110 -17.86 31.68 -4.56
CA SER A 110 -19.18 31.04 -4.64
C SER A 110 -20.03 31.33 -3.41
N LEU A 111 -21.24 31.86 -3.64
CA LEU A 111 -22.20 32.10 -2.56
C LEU A 111 -23.38 31.11 -2.69
N PHE A 112 -23.06 29.86 -3.08
CA PHE A 112 -24.05 28.83 -3.40
C PHE A 112 -23.49 27.41 -3.19
N GLY A 113 -23.89 26.76 -2.08
CA GLY A 113 -23.48 25.38 -1.76
C GLY A 113 -22.52 25.30 -0.58
N GLY A 114 -21.27 24.93 -0.87
CA GLY A 114 -20.16 25.03 0.07
C GLY A 114 -19.26 26.19 -0.32
N SER A 115 -18.87 27.01 0.64
CA SER A 115 -18.17 28.28 0.34
C SER A 115 -16.74 28.41 0.91
N VAL A 116 -16.61 29.12 2.04
CA VAL A 116 -15.33 29.55 2.61
C VAL A 116 -14.44 28.40 3.16
N LYS A 117 -15.05 27.28 3.53
CA LYS A 117 -14.32 26.16 4.14
C LYS A 117 -14.66 24.77 3.54
N LEU A 118 -13.65 23.90 3.47
CA LEU A 118 -13.81 22.53 2.96
C LEU A 118 -13.00 21.51 3.76
N ALA A 119 -13.71 20.56 4.37
CA ALA A 119 -13.09 19.45 5.07
C ALA A 119 -13.27 18.18 4.24
N LEU A 120 -12.15 17.66 3.73
CA LEU A 120 -12.19 16.46 2.87
C LEU A 120 -11.28 15.36 3.40
N ALA A 121 -11.66 14.11 3.10
CA ALA A 121 -10.94 12.91 3.56
C ALA A 121 -10.09 12.27 2.45
N SER A 122 -9.14 13.06 1.92
CA SER A 122 -8.24 12.64 0.84
C SER A 122 -6.93 13.42 0.90
N LEU A 123 -5.81 12.71 0.83
CA LEU A 123 -4.49 13.34 0.92
C LEU A 123 -4.16 14.20 -0.29
N GLY A 124 -4.62 13.77 -1.47
CA GLY A 124 -4.45 14.55 -2.70
C GLY A 124 -4.94 15.98 -2.57
N TYR A 125 -6.01 16.15 -1.81
CA TYR A 125 -6.52 17.48 -1.47
C TYR A 125 -5.52 18.20 -0.59
N GLU A 126 -4.97 17.49 0.40
CA GLU A 126 -4.01 18.06 1.34
C GLU A 126 -2.73 18.55 0.67
N LYS A 127 -2.14 17.70 -0.17
CA LYS A 127 -0.89 18.04 -0.83
C LYS A 127 -1.05 19.25 -1.74
N SER A 128 -2.19 19.33 -2.42
CA SER A 128 -2.50 20.42 -3.34
C SER A 128 -2.50 21.77 -2.63
N CYS A 129 -3.03 21.79 -1.42
CA CYS A 129 -3.12 23.02 -0.67
C CYS A 129 -1.77 23.49 -0.18
N VAL A 130 -0.93 22.55 0.26
CA VAL A 130 0.45 22.88 0.63
C VAL A 130 1.12 23.50 -0.59
N LEU A 131 1.15 22.75 -1.68
CA LEU A 131 1.70 23.25 -2.91
C LEU A 131 1.15 24.62 -3.24
N PHE A 132 -0.16 24.83 -3.10
CA PHE A 132 -0.74 26.16 -3.30
C PHE A 132 -0.02 27.16 -2.43
N ASN A 133 0.16 26.82 -1.16
CA ASN A 133 0.84 27.69 -0.22
C ASN A 133 2.28 27.98 -0.56
N CYS A 134 3.04 26.93 -0.90
CA CYS A 134 4.36 27.07 -1.49
C CYS A 134 4.32 28.11 -2.61
N ALA A 135 3.63 27.79 -3.70
CA ALA A 135 3.46 28.70 -4.81
C ALA A 135 3.04 30.09 -4.37
N ALA A 136 2.18 30.13 -3.35
CA ALA A 136 1.65 31.39 -2.85
C ALA A 136 2.71 32.17 -2.08
N LEU A 137 3.60 31.44 -1.41
CA LEU A 137 4.68 32.08 -0.67
C LEU A 137 5.76 32.61 -1.60
N ALA A 138 6.17 31.76 -2.54
CA ALA A 138 7.21 32.08 -3.51
C ALA A 138 6.96 33.42 -4.19
N SER A 139 5.68 33.73 -4.35
CA SER A 139 5.24 34.96 -5.02
C SER A 139 5.48 36.15 -4.14
N GLN A 140 5.13 36.01 -2.86
CA GLN A 140 5.30 37.07 -1.90
C GLN A 140 6.77 37.38 -1.77
N ILE A 141 7.57 36.30 -1.73
CA ILE A 141 9.04 36.36 -1.72
C ILE A 141 9.56 37.14 -2.91
N ALA A 142 9.10 36.77 -4.11
CA ALA A 142 9.59 37.38 -5.34
C ALA A 142 9.13 38.82 -5.55
N ALA A 143 8.23 39.29 -4.70
CA ALA A 143 7.65 40.62 -4.88
C ALA A 143 8.34 41.68 -4.03
N GLU A 144 8.76 41.31 -2.82
CA GLU A 144 9.48 42.23 -1.94
C GLU A 144 10.78 42.70 -2.60
N GLN A 145 11.46 41.74 -3.23
CA GLN A 145 12.76 41.92 -3.93
C GLN A 145 13.09 43.27 -4.52
N ASN A 146 14.32 43.72 -4.30
CA ASN A 146 14.85 44.87 -5.02
C ASN A 146 15.16 44.49 -6.47
N LEU A 147 14.70 45.32 -7.40
CA LEU A 147 14.78 44.98 -8.82
C LEU A 147 15.76 45.86 -9.56
N ASP A 148 16.63 46.53 -8.78
CA ASP A 148 17.76 47.32 -9.29
C ASP A 148 19.03 46.53 -9.04
N ASN A 149 19.20 46.10 -7.79
CA ASN A 149 20.20 45.11 -7.47
C ASN A 149 20.00 43.92 -8.42
N ASP A 150 21.10 43.49 -9.04
CA ASP A 150 21.07 42.53 -10.14
C ASP A 150 21.00 41.09 -9.67
N GLU A 151 21.37 40.85 -8.41
CA GLU A 151 21.20 39.53 -7.83
C GLU A 151 19.78 39.42 -7.34
N GLY A 152 19.14 40.58 -7.20
CA GLY A 152 17.71 40.67 -6.85
C GLY A 152 16.77 40.12 -7.93
N LEU A 153 16.97 40.56 -9.17
CA LEU A 153 16.24 40.01 -10.33
C LEU A 153 16.26 38.49 -10.32
N LYS A 154 17.45 37.89 -10.46
CA LYS A 154 17.58 36.44 -10.47
C LYS A 154 16.64 35.75 -9.48
N ILE A 155 16.44 36.33 -8.30
CA ILE A 155 15.65 35.64 -7.30
C ILE A 155 14.17 35.77 -7.57
N ALA A 156 13.75 36.95 -8.03
CA ALA A 156 12.40 37.19 -8.49
C ALA A 156 12.10 36.19 -9.59
N ALA A 157 12.74 36.36 -10.74
CA ALA A 157 12.53 35.47 -11.89
C ALA A 157 12.45 33.98 -11.54
N LYS A 158 13.25 33.54 -10.57
CA LYS A 158 13.30 32.11 -10.24
C LYS A 158 12.02 31.74 -9.52
N HIS A 159 11.60 32.63 -8.62
CA HIS A 159 10.44 32.39 -7.76
C HIS A 159 9.10 32.41 -8.51
N TYR A 160 8.86 33.45 -9.30
CA TYR A 160 7.69 33.49 -10.19
C TYR A 160 7.61 32.23 -11.01
N GLN A 161 8.50 32.12 -11.98
CA GLN A 161 8.67 30.91 -12.75
C GLN A 161 8.31 29.68 -11.92
N PHE A 162 8.71 29.69 -10.66
CA PHE A 162 8.41 28.55 -9.82
C PHE A 162 6.95 28.54 -9.43
N ALA A 163 6.46 29.67 -8.93
CA ALA A 163 5.07 29.82 -8.54
C ALA A 163 4.16 29.44 -9.72
N SER A 164 4.44 30.04 -10.88
CA SER A 164 3.72 29.72 -12.09
C SER A 164 3.57 28.23 -12.27
N GLY A 165 4.68 27.49 -12.24
CA GLY A 165 4.64 26.05 -12.41
C GLY A 165 3.99 25.34 -11.23
N ALA A 166 4.15 25.93 -10.05
CA ALA A 166 3.60 25.36 -8.84
C ALA A 166 2.10 25.31 -8.99
N PHE A 167 1.51 26.38 -9.50
CA PHE A 167 0.08 26.41 -9.79
C PHE A 167 -0.29 25.46 -10.90
N LEU A 168 0.19 25.70 -12.12
CA LEU A 168 -0.11 24.81 -13.25
C LEU A 168 -0.04 23.31 -12.95
N HIS A 169 0.72 22.92 -11.95
CA HIS A 169 0.75 21.51 -11.59
C HIS A 169 -0.49 21.16 -10.78
N ILE A 170 -1.04 22.13 -10.05
CA ILE A 170 -2.33 21.97 -9.38
C ILE A 170 -3.46 21.82 -10.40
N LYS A 171 -3.57 22.78 -11.32
CA LYS A 171 -4.56 22.72 -12.39
C LYS A 171 -4.70 21.31 -12.91
N GLU A 172 -3.58 20.70 -13.28
CA GLU A 172 -3.58 19.39 -13.92
C GLU A 172 -3.63 18.23 -12.92
N THR A 173 -3.89 18.54 -11.64
CA THR A 173 -3.88 17.51 -10.61
C THR A 173 -5.14 17.41 -9.73
N VAL A 174 -5.95 18.46 -9.70
CA VAL A 174 -7.11 18.51 -8.79
C VAL A 174 -8.24 17.54 -9.11
N LEU A 175 -8.96 17.79 -10.22
CA LEU A 175 -10.11 16.96 -10.63
C LEU A 175 -9.83 15.45 -10.66
N SER A 176 -8.61 15.08 -11.02
CA SER A 176 -8.20 13.69 -11.18
C SER A 176 -7.93 12.96 -9.85
N ALA A 177 -7.69 13.71 -8.77
CA ALA A 177 -7.15 13.10 -7.54
C ALA A 177 -8.01 13.17 -6.27
N LEU A 178 -8.94 14.12 -6.22
CA LEU A 178 -9.76 14.32 -5.02
C LEU A 178 -10.84 13.25 -4.79
N SER A 179 -12.00 13.67 -4.30
CA SER A 179 -13.13 12.78 -4.08
C SER A 179 -14.46 13.43 -4.47
N ARG A 180 -14.41 14.74 -4.76
CA ARG A 180 -15.58 15.50 -5.27
C ARG A 180 -15.11 16.79 -5.91
N GLU A 181 -16.05 17.71 -6.14
CA GLU A 181 -15.76 19.03 -6.72
C GLU A 181 -15.05 19.94 -5.71
N PRO A 182 -14.02 20.71 -6.15
CA PRO A 182 -13.12 21.45 -5.28
C PRO A 182 -13.48 22.93 -5.00
N THR A 183 -12.87 23.50 -3.96
CA THR A 183 -13.11 24.90 -3.57
C THR A 183 -12.64 25.91 -4.66
N VAL A 184 -13.05 27.17 -4.52
CA VAL A 184 -12.93 28.16 -5.60
C VAL A 184 -11.50 28.33 -6.14
N ASP A 185 -10.53 28.51 -5.23
CA ASP A 185 -9.15 28.86 -5.60
C ASP A 185 -8.33 27.75 -6.28
N ILE A 186 -8.59 26.51 -5.92
CA ILE A 186 -7.83 25.37 -6.45
C ILE A 186 -8.49 24.69 -7.66
N SER A 187 -9.45 25.35 -8.31
CA SER A 187 -10.09 24.77 -9.48
C SER A 187 -9.33 25.14 -10.75
N PRO A 188 -9.14 24.16 -11.67
CA PRO A 188 -8.32 24.32 -12.87
C PRO A 188 -8.41 25.67 -13.56
N ASP A 189 -9.59 26.30 -13.53
CA ASP A 189 -9.82 27.58 -14.18
C ASP A 189 -9.13 28.72 -13.44
N THR A 190 -9.10 28.62 -12.11
CA THR A 190 -8.54 29.65 -11.24
C THR A 190 -7.03 29.66 -11.33
N VAL A 191 -6.46 28.59 -10.79
CA VAL A 191 -5.02 28.35 -10.78
C VAL A 191 -4.40 28.51 -12.17
N GLY A 192 -4.94 27.82 -13.18
CA GLY A 192 -4.50 28.00 -14.56
C GLY A 192 -4.32 29.45 -14.95
N THR A 193 -5.02 30.34 -14.26
CA THR A 193 -4.92 31.78 -14.55
C THR A 193 -3.82 32.42 -13.72
N LEU A 194 -3.71 32.03 -12.44
CA LEU A 194 -2.61 32.49 -11.58
C LEU A 194 -1.25 32.08 -12.14
N SER A 195 -1.09 30.77 -12.34
CA SER A 195 0.03 30.23 -13.07
C SER A 195 0.40 31.10 -14.25
N LEU A 196 -0.59 31.72 -14.89
CA LEU A 196 -0.28 32.53 -16.08
C LEU A 196 0.17 33.92 -15.67
N ILE A 197 -0.27 34.37 -14.51
CA ILE A 197 0.08 35.71 -14.07
C ILE A 197 1.50 35.72 -13.59
N MET A 198 1.83 34.76 -12.72
CA MET A 198 3.21 34.56 -12.28
C MET A 198 4.08 34.57 -13.51
N LEU A 199 3.87 33.60 -14.39
CA LEU A 199 4.60 33.56 -15.63
C LEU A 199 4.75 34.94 -16.30
N ALA A 200 3.66 35.69 -16.42
CA ALA A 200 3.75 36.99 -17.07
C ALA A 200 4.60 37.91 -16.21
N GLN A 201 4.54 37.69 -14.90
CA GLN A 201 5.29 38.55 -14.03
C GLN A 201 6.79 38.27 -14.11
N ALA A 202 7.16 36.98 -14.13
CA ALA A 202 8.52 36.54 -14.44
C ALA A 202 9.00 37.25 -15.69
N GLN A 203 8.43 36.91 -16.84
CA GLN A 203 8.72 37.61 -18.10
C GLN A 203 8.90 39.13 -17.96
N GLU A 204 8.27 39.73 -16.97
CA GLU A 204 8.35 41.19 -16.87
C GLU A 204 9.77 41.56 -16.57
N VAL A 205 10.34 40.86 -15.58
CA VAL A 205 11.72 41.03 -15.14
C VAL A 205 12.72 40.96 -16.31
N PHE A 206 12.71 39.85 -17.04
CA PHE A 206 13.57 39.78 -18.18
C PHE A 206 13.48 41.05 -19.04
N PHE A 207 12.30 41.64 -19.13
CA PHE A 207 12.23 42.90 -19.84
C PHE A 207 13.09 43.88 -19.04
N LEU A 208 12.98 43.80 -17.72
CA LEU A 208 13.55 44.79 -16.84
C LEU A 208 15.09 44.72 -16.82
N LYS A 209 15.63 43.50 -16.75
CA LYS A 209 17.05 43.20 -16.99
C LYS A 209 17.49 43.72 -18.37
N ALA A 210 17.20 42.98 -19.43
CA ALA A 210 17.39 43.46 -20.81
C ALA A 210 17.39 44.99 -20.92
N THR A 211 16.62 45.64 -20.07
CA THR A 211 16.50 47.09 -20.10
C THR A 211 17.71 47.73 -19.41
N ARG A 212 18.09 47.12 -18.28
CA ARG A 212 19.23 47.52 -17.45
C ARG A 212 20.56 47.34 -18.20
N ASP A 213 20.75 46.18 -18.83
CA ASP A 213 21.92 45.90 -19.65
C ASP A 213 21.84 46.62 -21.00
N LYS A 214 21.04 47.67 -21.05
CA LYS A 214 20.93 48.52 -22.20
C LYS A 214 20.96 47.78 -23.54
N MET A 215 20.27 46.63 -23.59
CA MET A 215 20.26 45.75 -24.75
C MET A 215 19.65 46.38 -25.97
N LYS A 216 19.57 45.60 -27.06
CA LYS A 216 19.09 46.14 -28.34
C LYS A 216 17.62 46.56 -28.24
N ASP A 217 17.33 47.76 -28.74
CA ASP A 217 15.98 48.32 -28.59
C ASP A 217 14.93 47.47 -29.30
N ALA A 218 15.33 46.73 -30.33
CA ALA A 218 14.52 45.65 -30.86
C ALA A 218 14.25 44.61 -29.79
N ILE A 219 15.29 44.00 -29.23
CA ILE A 219 15.09 42.91 -28.26
C ILE A 219 14.26 43.33 -27.04
N ILE A 220 14.38 44.59 -26.61
CA ILE A 220 13.59 45.01 -25.47
C ILE A 220 12.11 45.01 -25.83
N ALA A 221 11.77 45.57 -27.01
CA ALA A 221 10.39 45.54 -27.52
C ALA A 221 9.85 44.12 -27.46
N LYS A 222 10.28 43.28 -28.40
CA LYS A 222 9.91 41.86 -28.44
C LYS A 222 9.76 41.18 -27.07
N LEU A 223 10.57 41.58 -26.11
CA LEU A 223 10.48 40.99 -24.80
C LEU A 223 9.36 41.60 -24.01
N ALA A 224 9.20 42.93 -24.19
CA ALA A 224 8.19 43.72 -23.47
C ALA A 224 6.85 43.22 -23.91
N ASN A 225 6.71 43.11 -25.23
CA ASN A 225 5.49 42.67 -25.85
C ASN A 225 5.07 41.33 -25.28
N GLN A 226 5.79 40.28 -25.62
CA GLN A 226 5.49 38.97 -25.07
C GLN A 226 5.05 38.96 -23.59
N ALA A 227 5.49 39.96 -22.82
CA ALA A 227 5.00 40.11 -21.46
C ALA A 227 3.55 40.61 -21.46
N ALA A 228 3.27 41.66 -22.25
CA ALA A 228 1.89 42.12 -22.46
C ALA A 228 1.01 40.95 -22.86
N ASP A 229 1.25 40.39 -24.03
CA ASP A 229 0.57 39.18 -24.49
C ASP A 229 0.57 38.00 -23.50
N TYR A 230 0.79 38.27 -22.23
CA TYR A 230 0.69 37.24 -21.24
C TYR A 230 -0.31 37.72 -20.22
N PHE A 231 -0.17 38.98 -19.82
CA PHE A 231 -1.15 39.61 -18.96
C PHE A 231 -2.45 39.70 -19.72
N GLY A 232 -2.35 40.08 -21.00
CA GLY A 232 -3.47 39.96 -21.94
C GLY A 232 -4.25 38.69 -21.74
N ASP A 233 -3.61 37.55 -22.00
CA ASP A 233 -4.26 36.25 -21.84
C ASP A 233 -4.74 35.94 -20.44
N ALA A 234 -4.24 36.63 -19.43
CA ALA A 234 -4.68 36.36 -18.06
C ALA A 234 -5.93 37.16 -17.78
N PHE A 235 -6.08 38.27 -18.51
CA PHE A 235 -7.31 39.04 -18.57
C PHE A 235 -8.42 38.23 -19.23
N LYS A 236 -8.24 37.95 -20.53
CA LYS A 236 -9.09 37.05 -21.29
C LYS A 236 -9.58 35.85 -20.48
N GLN A 237 -8.78 35.38 -19.54
CA GLN A 237 -9.16 34.21 -18.77
C GLN A 237 -9.95 34.53 -17.49
N CYS A 238 -10.14 35.81 -17.24
CA CYS A 238 -10.91 36.27 -16.08
C CYS A 238 -12.19 36.95 -16.53
N GLN A 239 -12.14 37.51 -17.73
CA GLN A 239 -13.10 38.47 -18.20
C GLN A 239 -14.56 38.15 -17.86
N TYR A 240 -14.99 36.92 -18.16
CA TYR A 240 -16.36 36.49 -17.82
C TYR A 240 -16.34 35.30 -16.85
N LYS A 241 -15.21 35.08 -16.18
CA LYS A 241 -15.06 33.98 -15.22
C LYS A 241 -14.90 34.49 -13.77
N ASP A 242 -15.61 33.84 -12.84
CA ASP A 242 -15.69 34.31 -11.45
C ASP A 242 -14.40 34.12 -10.64
N THR A 243 -13.48 33.32 -11.17
CA THR A 243 -12.10 33.25 -10.69
C THR A 243 -11.60 34.67 -10.45
N LEU A 244 -11.54 35.09 -9.17
CA LEU A 244 -11.21 36.49 -8.84
C LEU A 244 -10.98 36.79 -7.36
N PRO A 245 -9.81 37.39 -7.04
CA PRO A 245 -9.68 38.43 -6.01
C PRO A 245 -9.92 39.80 -6.65
N LYS A 246 -10.26 40.79 -5.81
CA LYS A 246 -10.83 42.07 -6.29
C LYS A 246 -9.87 43.02 -7.05
N GLU A 247 -8.71 43.31 -6.47
CA GLU A 247 -7.76 44.29 -7.03
C GLU A 247 -6.83 43.68 -8.07
N VAL A 248 -6.88 42.36 -8.20
CA VAL A 248 -6.12 41.62 -9.21
C VAL A 248 -6.52 42.00 -10.64
N PHE A 249 -7.81 42.22 -10.85
CA PHE A 249 -8.36 42.46 -12.18
C PHE A 249 -7.96 43.78 -12.88
N PRO A 250 -7.87 44.90 -12.14
CA PRO A 250 -7.41 46.12 -12.81
C PRO A 250 -5.90 46.17 -13.02
N VAL A 251 -5.15 45.49 -12.16
CA VAL A 251 -3.70 45.45 -12.23
C VAL A 251 -3.33 44.75 -13.53
N LEU A 252 -3.70 43.48 -13.67
CA LEU A 252 -3.54 42.74 -14.93
C LEU A 252 -3.77 43.60 -16.19
N ALA A 253 -4.68 44.57 -16.06
CA ALA A 253 -5.07 45.38 -17.18
C ALA A 253 -4.06 46.49 -17.28
N ALA A 254 -3.74 47.09 -16.15
CA ALA A 254 -2.82 48.23 -16.12
C ALA A 254 -1.42 47.78 -16.53
N LYS A 255 -0.99 46.66 -15.96
CA LYS A 255 0.23 46.04 -16.36
C LYS A 255 0.21 45.79 -17.87
N HIS A 256 -0.62 44.87 -18.34
CA HIS A 256 -0.79 44.65 -19.80
C HIS A 256 -0.60 45.93 -20.59
N CYS A 257 -1.24 46.99 -20.13
CA CYS A 257 -1.21 48.24 -20.87
C CYS A 257 0.16 48.89 -20.92
N ILE A 258 0.81 49.00 -19.75
CA ILE A 258 2.22 49.45 -19.66
C ILE A 258 3.10 48.60 -20.55
N MET A 259 3.07 47.29 -20.33
CA MET A 259 3.85 46.40 -21.16
C MET A 259 3.70 46.74 -22.61
N GLN A 260 2.46 46.78 -23.09
CA GLN A 260 2.19 47.10 -24.48
C GLN A 260 2.74 48.47 -24.87
N ALA A 261 2.94 49.34 -23.89
CA ALA A 261 3.41 50.71 -24.16
C ALA A 261 4.92 50.78 -24.32
N ASN A 262 5.62 49.98 -23.51
CA ASN A 262 7.05 49.79 -23.66
C ASN A 262 7.31 49.23 -25.04
N ALA A 263 6.73 48.08 -25.30
CA ALA A 263 6.85 47.45 -26.58
C ALA A 263 6.72 48.49 -27.69
N GLU A 264 5.73 49.36 -27.63
CA GLU A 264 5.63 50.41 -28.66
C GLU A 264 6.85 51.34 -28.67
N TYR A 265 7.20 51.84 -27.48
CA TYR A 265 8.22 52.86 -27.30
C TYR A 265 9.62 52.48 -27.74
N HIS A 266 10.00 51.22 -27.48
CA HIS A 266 11.26 50.71 -27.97
C HIS A 266 11.24 50.53 -29.47
N GLN A 267 10.21 49.87 -29.98
CA GLN A 267 10.07 49.71 -31.40
C GLN A 267 10.02 51.06 -32.08
N SER A 268 9.77 52.12 -31.32
CA SER A 268 9.78 53.47 -31.87
C SER A 268 11.23 53.79 -32.18
N ILE A 269 12.10 53.49 -31.23
CA ILE A 269 13.53 53.73 -31.39
C ILE A 269 14.03 52.99 -32.61
N LEU A 270 13.67 51.72 -32.74
CA LEU A 270 14.08 50.95 -33.91
C LEU A 270 13.60 51.57 -35.22
N ALA A 271 12.35 52.00 -35.27
CA ALA A 271 11.79 52.57 -36.48
C ALA A 271 12.48 53.86 -36.86
N LYS A 272 12.99 54.55 -35.85
CA LYS A 272 13.67 55.83 -36.01
C LYS A 272 14.99 55.63 -36.75
N GLN A 273 15.76 54.64 -36.28
CA GLN A 273 17.03 54.31 -36.90
C GLN A 273 16.82 53.96 -38.35
N GLN A 274 15.87 53.08 -38.61
CA GLN A 274 15.57 52.65 -39.98
C GLN A 274 14.94 53.78 -40.82
N TYR A 275 14.98 55.00 -40.30
CA TYR A 275 14.52 56.20 -41.02
C TYR A 275 13.05 56.18 -41.47
N TYR A 276 12.25 55.34 -40.80
CA TYR A 276 10.81 55.40 -40.95
C TYR A 276 10.32 56.42 -39.94
N PHE A 277 10.34 57.67 -40.33
CA PHE A 277 10.03 58.73 -39.39
C PHE A 277 8.54 58.84 -39.12
N GLY A 278 7.74 58.35 -40.06
CA GLY A 278 6.31 58.16 -39.85
C GLY A 278 6.10 57.15 -38.74
N GLU A 279 6.50 55.90 -39.00
CA GLU A 279 6.34 54.82 -38.03
C GLU A 279 6.67 55.29 -36.63
N GLU A 280 7.78 56.03 -36.51
CA GLU A 280 8.27 56.47 -35.21
C GLU A 280 7.17 57.17 -34.43
N ILE A 281 6.59 58.22 -35.05
CA ILE A 281 5.52 59.00 -34.46
C ILE A 281 4.32 58.11 -34.16
N ALA A 282 3.80 57.47 -35.21
CA ALA A 282 2.67 56.56 -35.10
C ALA A 282 2.80 55.64 -33.88
N ARG A 283 3.99 55.05 -33.71
CA ARG A 283 4.24 54.14 -32.59
C ARG A 283 4.35 54.82 -31.24
N LEU A 284 4.76 56.09 -31.25
CA LEU A 284 4.87 56.84 -30.01
C LEU A 284 3.49 57.31 -29.56
N GLN A 285 2.73 57.90 -30.51
CA GLN A 285 1.37 58.37 -30.22
C GLN A 285 0.56 57.26 -29.59
N HIS A 286 0.62 56.07 -30.20
CA HIS A 286 0.01 54.91 -29.63
C HIS A 286 0.48 54.74 -28.20
N ALA A 287 1.78 54.89 -28.00
CA ALA A 287 2.40 54.65 -26.71
C ALA A 287 1.92 55.67 -25.71
N ALA A 288 1.95 56.93 -26.12
CA ALA A 288 1.52 58.03 -25.26
C ALA A 288 0.07 57.82 -24.82
N GLU A 289 -0.79 57.55 -25.80
CA GLU A 289 -2.18 57.22 -25.56
C GLU A 289 -2.28 56.22 -24.41
N LEU A 290 -1.78 55.01 -24.67
CA LEU A 290 -1.79 53.93 -23.71
C LEU A 290 -1.50 54.36 -22.28
N ILE A 291 -0.59 55.32 -22.13
CA ILE A 291 -0.21 55.71 -20.80
C ILE A 291 -1.24 56.66 -20.20
N LYS A 292 -1.55 57.74 -20.93
CA LYS A 292 -2.59 58.69 -20.54
C LYS A 292 -3.74 57.96 -19.83
N THR A 293 -4.26 56.93 -20.50
CA THR A 293 -5.26 56.02 -19.98
C THR A 293 -4.86 55.58 -18.58
N VAL A 294 -3.74 54.87 -18.48
CA VAL A 294 -3.28 54.29 -17.21
C VAL A 294 -3.09 55.33 -16.11
N ALA A 295 -2.55 56.49 -16.48
CA ALA A 295 -2.38 57.60 -15.56
C ALA A 295 -3.67 57.86 -14.83
N SER A 296 -4.76 58.07 -15.58
CA SER A 296 -6.10 58.39 -15.00
C SER A 296 -6.89 57.18 -14.47
N ARG A 297 -7.11 56.19 -15.34
CA ARG A 297 -7.97 55.04 -15.05
C ARG A 297 -7.49 54.10 -13.93
N TYR A 298 -6.17 53.99 -13.71
CA TYR A 298 -5.66 53.08 -12.66
C TYR A 298 -4.70 53.74 -11.66
N ASP A 299 -4.62 55.07 -11.69
CA ASP A 299 -3.65 55.86 -10.90
C ASP A 299 -3.30 55.33 -9.50
N GLU A 300 -4.30 54.75 -8.83
CA GLU A 300 -4.13 54.27 -7.47
C GLU A 300 -3.35 52.94 -7.41
N TYR A 301 -3.08 52.36 -8.59
CA TYR A 301 -2.48 51.04 -8.70
C TYR A 301 -1.09 51.03 -9.34
N VAL A 302 -0.70 52.14 -9.99
CA VAL A 302 0.59 52.23 -10.71
C VAL A 302 1.07 53.67 -10.98
N ASN A 303 2.33 53.95 -10.65
CA ASN A 303 2.94 55.26 -10.97
C ASN A 303 3.83 55.24 -12.21
N VAL A 304 3.47 56.06 -13.18
CA VAL A 304 4.02 55.99 -14.52
C VAL A 304 4.41 57.39 -15.03
N LYS A 305 4.54 58.32 -14.09
CA LYS A 305 4.78 59.73 -14.37
C LYS A 305 6.03 59.93 -15.23
N ASP A 306 7.12 59.24 -14.86
CA ASP A 306 8.41 59.36 -15.53
C ASP A 306 8.29 58.94 -16.99
N PHE A 307 8.05 57.65 -17.17
CA PHE A 307 7.76 57.06 -18.47
C PHE A 307 6.98 58.01 -19.39
N SER A 308 5.90 58.59 -18.88
CA SER A 308 5.07 59.50 -19.67
C SER A 308 5.84 60.67 -20.28
N ASP A 309 6.81 61.22 -19.53
CA ASP A 309 7.65 62.32 -20.03
C ASP A 309 8.56 61.81 -21.14
N LYS A 310 9.23 60.70 -20.83
CA LYS A 310 10.15 60.06 -21.76
C LYS A 310 9.51 59.90 -23.12
N ILE A 311 8.22 59.59 -23.13
CA ILE A 311 7.45 59.41 -24.35
C ILE A 311 7.16 60.76 -24.99
N ASN A 312 6.66 61.69 -24.19
CA ASN A 312 6.20 62.97 -24.71
C ASN A 312 7.35 63.80 -25.27
N ARG A 313 8.52 63.65 -24.64
CA ARG A 313 9.76 64.29 -25.11
C ARG A 313 10.22 63.67 -26.42
N ALA A 314 10.29 62.34 -26.43
CA ALA A 314 10.65 61.57 -27.63
C ALA A 314 9.67 61.89 -28.74
N LEU A 315 8.38 61.94 -28.42
CA LEU A 315 7.34 62.35 -29.36
C LEU A 315 7.58 63.78 -29.83
N ALA A 316 7.73 64.70 -28.88
CA ALA A 316 7.94 66.12 -29.16
C ALA A 316 9.07 66.35 -30.15
N ALA A 317 10.21 65.74 -29.85
CA ALA A 317 11.42 65.88 -30.66
C ALA A 317 11.26 65.25 -32.04
N ALA A 318 10.55 64.13 -32.09
CA ALA A 318 10.24 63.46 -33.34
C ALA A 318 9.29 64.28 -34.19
N LYS A 319 8.22 64.78 -33.57
CA LYS A 319 7.27 65.68 -34.23
C LYS A 319 7.91 67.00 -34.65
N LYS A 320 8.95 67.40 -33.92
CA LYS A 320 9.72 68.59 -34.26
C LYS A 320 10.50 68.36 -35.55
N ASP A 321 11.36 67.34 -35.54
CA ASP A 321 12.20 67.01 -36.68
C ASP A 321 11.35 66.76 -37.94
N ASN A 322 10.29 65.97 -37.83
CA ASN A 322 9.49 65.63 -39.02
C ASN A 322 8.75 66.81 -39.64
N ASP A 323 8.14 67.64 -38.81
CA ASP A 323 7.35 68.76 -39.32
C ASP A 323 8.23 69.76 -40.06
N PHE A 324 9.50 69.84 -39.65
CA PHE A 324 10.40 70.87 -40.19
C PHE A 324 11.54 70.37 -41.07
N ILE A 325 11.82 69.07 -41.02
CA ILE A 325 12.90 68.49 -41.82
C ILE A 325 12.38 67.41 -42.77
N TYR A 326 11.97 66.27 -42.21
CA TYR A 326 11.76 65.02 -42.98
C TYR A 326 10.42 64.92 -43.74
N HIS A 327 9.39 65.57 -43.22
CA HIS A 327 8.07 65.63 -43.86
C HIS A 327 7.58 64.26 -44.35
N ASP A 328 7.53 63.31 -43.41
CA ASP A 328 7.18 61.92 -43.69
C ASP A 328 5.72 61.62 -43.34
N ARG A 329 5.06 60.88 -44.23
CA ARG A 329 3.72 60.35 -44.02
C ARG A 329 3.65 59.58 -42.70
N VAL A 330 2.59 59.81 -41.93
CA VAL A 330 2.32 59.04 -40.70
C VAL A 330 1.24 57.99 -40.98
N PRO A 331 1.55 56.71 -40.70
CA PRO A 331 0.62 55.59 -40.98
C PRO A 331 -0.47 55.38 -39.93
N ASP A 332 -1.62 54.91 -40.39
CA ASP A 332 -2.67 54.47 -39.49
C ASP A 332 -2.13 53.26 -38.76
N LEU A 333 -2.47 53.13 -37.48
CA LEU A 333 -1.98 52.02 -36.68
C LEU A 333 -2.21 50.61 -37.24
N LYS A 334 -3.28 50.43 -38.03
CA LYS A 334 -3.57 49.15 -38.67
C LYS A 334 -2.52 48.81 -39.72
N ASP A 335 -1.91 49.85 -40.29
CA ASP A 335 -0.93 49.73 -41.38
C ASP A 335 0.42 49.14 -40.97
N LEU A 336 0.67 49.09 -39.66
CA LEU A 336 1.99 48.70 -39.16
C LEU A 336 2.22 47.20 -38.98
N ASP A 337 3.48 46.80 -39.04
CA ASP A 337 3.89 45.42 -38.76
C ASP A 337 3.76 45.06 -37.29
N PRO A 338 3.28 43.84 -37.02
CA PRO A 338 3.32 43.29 -35.66
C PRO A 338 4.71 43.45 -35.04
N ILE A 339 4.73 43.86 -33.79
CA ILE A 339 5.94 43.71 -32.98
C ILE A 339 6.00 42.21 -32.65
N GLY A 340 7.17 41.63 -32.73
CA GLY A 340 7.32 40.21 -32.42
C GLY A 340 7.08 39.84 -30.96
N LYS A 341 7.32 38.58 -30.65
CA LYS A 341 7.19 38.07 -29.31
C LYS A 341 8.40 37.18 -29.04
N ALA A 342 9.09 37.43 -27.93
CA ALA A 342 10.22 36.62 -27.50
C ALA A 342 10.06 36.25 -26.04
N THR A 343 9.78 34.99 -25.76
CA THR A 343 9.67 34.58 -24.37
C THR A 343 11.00 34.02 -23.87
N LEU A 344 11.24 34.18 -22.57
CA LEU A 344 12.46 33.69 -21.92
C LEU A 344 12.10 32.99 -20.64
N VAL A 345 10.90 32.44 -20.58
CA VAL A 345 10.36 31.96 -19.31
C VAL A 345 9.53 30.70 -19.48
N LYS A 346 9.61 29.82 -18.50
CA LYS A 346 8.88 28.57 -18.54
C LYS A 346 8.50 28.16 -17.12
N SER A 347 7.40 27.44 -17.00
CA SER A 347 6.86 27.09 -15.69
C SER A 347 7.65 25.95 -15.06
N THR A 348 8.60 26.30 -14.19
CA THR A 348 9.33 25.33 -13.39
C THR A 348 8.41 24.18 -12.95
N PRO A 349 8.51 23.02 -13.60
CA PRO A 349 7.76 21.83 -13.22
C PRO A 349 7.91 21.47 -11.76
N VAL A 350 7.05 20.57 -11.28
CA VAL A 350 7.14 20.10 -9.90
C VAL A 350 7.53 18.63 -9.88
N ASN A 351 8.81 18.37 -9.61
CA ASN A 351 9.33 17.01 -9.41
C ASN A 351 10.04 16.91 -8.07
N VAL A 352 9.47 16.11 -7.17
CA VAL A 352 10.04 15.93 -5.84
C VAL A 352 11.45 15.31 -5.90
N PRO A 353 12.39 15.80 -5.07
CA PRO A 353 12.22 16.84 -4.05
C PRO A 353 12.30 18.29 -4.57
N ILE A 354 11.58 19.18 -3.90
CA ILE A 354 11.57 20.59 -4.23
C ILE A 354 12.39 21.38 -3.21
N SER A 355 12.48 20.83 -2.00
CA SER A 355 13.33 21.40 -0.98
C SER A 355 14.75 21.00 -1.30
N GLN A 356 15.70 21.69 -0.67
CA GLN A 356 17.10 21.43 -0.90
C GLN A 356 17.52 20.17 -0.13
N LYS A 357 18.19 20.36 1.01
CA LYS A 357 18.79 19.25 1.73
C LYS A 357 17.74 18.23 2.16
N PHE A 358 17.38 17.32 1.26
CA PHE A 358 16.28 16.43 1.55
C PHE A 358 16.65 15.11 2.24
N THR A 359 15.68 14.59 2.98
CA THR A 359 15.82 13.42 3.82
C THR A 359 14.44 12.78 4.01
N ASP A 360 14.13 11.74 3.24
CA ASP A 360 12.85 11.05 3.40
C ASP A 360 12.82 10.40 4.76
N LEU A 361 12.10 11.03 5.68
CA LEU A 361 12.06 10.58 7.08
C LEU A 361 11.42 9.21 7.27
N PHE A 362 10.82 8.66 6.21
CA PHE A 362 10.27 7.32 6.24
C PHE A 362 10.86 6.44 5.14
N GLU A 363 12.08 6.79 4.73
CA GLU A 363 12.84 6.10 3.68
C GLU A 363 12.86 4.59 3.88
N LYS A 364 12.90 4.16 5.14
CA LYS A 364 12.99 2.74 5.50
C LYS A 364 11.71 1.94 5.21
N MET A 365 10.56 2.53 5.54
CA MET A 365 9.28 1.82 5.52
C MET A 365 8.95 1.21 4.17
N VAL A 366 8.21 0.12 4.19
CA VAL A 366 7.90 -0.64 2.98
C VAL A 366 6.52 -0.22 2.48
N PRO A 367 6.38 0.00 1.16
CA PRO A 367 5.11 0.29 0.47
C PRO A 367 3.91 -0.58 0.89
N VAL A 368 2.71 -0.09 0.60
CA VAL A 368 1.45 -0.76 0.93
C VAL A 368 0.95 -1.69 -0.18
N SER A 369 1.18 -1.32 -1.44
CA SER A 369 0.82 -2.17 -2.57
C SER A 369 1.84 -3.30 -2.73
N VAL A 370 2.89 -3.24 -1.91
CA VAL A 370 3.86 -4.32 -1.75
C VAL A 370 3.41 -5.23 -0.60
N GLN A 371 3.18 -4.61 0.56
CA GLN A 371 2.82 -5.31 1.79
C GLN A 371 1.56 -6.16 1.66
N GLN A 372 0.56 -5.64 0.96
CA GLN A 372 -0.72 -6.33 0.78
C GLN A 372 -0.66 -7.39 -0.32
N SER A 373 0.17 -7.15 -1.34
CA SER A 373 0.42 -8.15 -2.39
C SER A 373 1.45 -9.19 -1.96
N LEU A 374 2.27 -8.83 -0.97
CA LEU A 374 3.25 -9.74 -0.39
C LEU A 374 2.57 -10.75 0.52
N ALA A 375 1.46 -10.35 1.15
CA ALA A 375 0.70 -11.22 2.04
C ALA A 375 -0.35 -12.04 1.28
N ALA A 376 -0.76 -11.52 0.12
CA ALA A 376 -1.67 -12.25 -0.76
C ALA A 376 -0.91 -13.23 -1.65
N TYR A 377 0.42 -13.17 -1.57
CA TYR A 377 1.30 -14.20 -2.15
C TYR A 377 1.50 -15.35 -1.16
N ASN A 378 1.52 -15.01 0.14
CA ASN A 378 1.75 -16.00 1.20
C ASN A 378 0.58 -16.96 1.43
N GLN A 379 -0.61 -16.58 0.99
CA GLN A 379 -1.73 -17.52 0.90
C GLN A 379 -1.63 -18.36 -0.35
N ARG A 380 -1.18 -17.76 -1.46
CA ARG A 380 -0.90 -18.51 -2.69
C ARG A 380 0.18 -19.54 -2.41
N LYS A 381 1.08 -19.22 -1.48
CA LYS A 381 2.07 -20.16 -0.98
C LYS A 381 1.37 -21.31 -0.27
N ALA A 382 0.73 -20.99 0.86
CA ALA A 382 0.04 -21.95 1.72
C ALA A 382 -0.96 -22.82 0.98
N ASP A 383 -1.79 -22.20 0.13
CA ASP A 383 -2.75 -22.92 -0.70
C ASP A 383 -2.10 -24.09 -1.42
N LEU A 384 -1.12 -23.80 -2.27
CA LEU A 384 -0.47 -24.83 -3.08
C LEU A 384 0.34 -25.85 -2.28
N VAL A 385 0.99 -25.40 -1.21
CA VAL A 385 1.75 -26.31 -0.34
C VAL A 385 0.77 -27.22 0.39
N ASN A 386 -0.12 -26.62 1.17
CA ASN A 386 -1.11 -27.38 1.93
C ASN A 386 -1.96 -28.28 1.03
N ARG A 387 -2.31 -27.76 -0.14
CA ARG A 387 -3.14 -28.49 -1.09
C ARG A 387 -2.46 -29.74 -1.63
N SER A 388 -1.16 -29.64 -1.87
CA SER A 388 -0.40 -30.79 -2.35
C SER A 388 -0.17 -31.80 -1.23
N ILE A 389 0.07 -31.31 -0.01
CA ILE A 389 0.18 -32.16 1.16
C ILE A 389 -1.07 -33.02 1.31
N ALA A 390 -2.24 -32.39 1.18
CA ALA A 390 -3.53 -33.04 1.44
C ALA A 390 -3.86 -34.10 0.39
N GLN A 391 -3.31 -33.93 -0.80
CA GLN A 391 -3.46 -34.92 -1.85
C GLN A 391 -2.56 -36.11 -1.59
N MET A 392 -1.46 -35.87 -0.86
CA MET A 392 -0.50 -36.91 -0.51
C MET A 392 -1.09 -37.91 0.46
N ARG A 393 -1.52 -37.42 1.63
CA ARG A 393 -1.97 -38.26 2.71
C ARG A 393 -3.17 -39.11 2.30
N GLU A 394 -4.10 -38.47 1.61
CA GLU A 394 -5.34 -39.12 1.20
C GLU A 394 -5.06 -40.19 0.17
N ALA A 395 -4.04 -39.96 -0.66
CA ALA A 395 -3.55 -40.98 -1.56
C ALA A 395 -2.91 -42.12 -0.77
N THR A 396 -2.04 -41.77 0.18
CA THR A 396 -1.30 -42.77 0.95
C THR A 396 -2.23 -43.61 1.84
N THR A 397 -3.11 -42.94 2.58
CA THR A 397 -4.02 -43.62 3.48
C THR A 397 -4.85 -44.64 2.70
N LEU A 398 -5.40 -44.19 1.58
CA LEU A 398 -6.18 -45.07 0.71
C LEU A 398 -5.38 -46.31 0.32
N ALA A 399 -4.17 -46.10 -0.18
CA ALA A 399 -3.28 -47.20 -0.59
C ALA A 399 -3.07 -48.18 0.55
N ASN A 400 -2.55 -47.68 1.68
CA ASN A 400 -2.38 -48.48 2.88
C ASN A 400 -3.63 -49.27 3.24
N GLY A 401 -4.78 -48.62 3.09
CA GLY A 401 -6.09 -49.21 3.37
C GLY A 401 -6.48 -50.36 2.46
N VAL A 402 -6.14 -50.25 1.18
CA VAL A 402 -6.40 -51.32 0.22
C VAL A 402 -5.54 -52.54 0.56
N LEU A 403 -4.24 -52.33 0.71
CA LEU A 403 -3.30 -53.41 1.05
C LEU A 403 -3.84 -54.33 2.13
N ALA A 404 -4.27 -53.74 3.24
CA ALA A 404 -4.84 -54.50 4.35
C ALA A 404 -6.15 -55.20 3.96
N SER A 405 -7.00 -54.48 3.21
CA SER A 405 -8.28 -55.01 2.78
C SER A 405 -8.05 -56.13 1.78
N LEU A 406 -6.80 -56.27 1.35
CA LEU A 406 -6.40 -57.33 0.44
C LEU A 406 -5.34 -58.23 1.07
N ASN A 407 -5.01 -57.97 2.33
CA ASN A 407 -4.05 -58.76 3.09
C ASN A 407 -2.67 -58.76 2.43
N LEU A 408 -2.02 -57.60 2.47
CA LEU A 408 -0.75 -57.38 1.77
C LEU A 408 0.16 -56.43 2.54
N PRO A 409 1.49 -56.70 2.53
CA PRO A 409 2.13 -57.86 1.92
C PRO A 409 2.16 -59.07 2.86
N ALA A 410 1.17 -59.15 3.74
CA ALA A 410 1.09 -60.21 4.73
C ALA A 410 0.99 -61.59 4.08
N ALA A 411 0.21 -61.70 3.01
CA ALA A 411 -0.09 -62.98 2.36
C ALA A 411 1.11 -63.63 1.68
N ILE A 412 2.05 -62.81 1.23
CA ILE A 412 3.21 -63.28 0.46
C ILE A 412 4.49 -63.52 1.28
N GLU A 413 4.54 -62.94 2.47
CA GLU A 413 5.63 -63.21 3.42
C GLU A 413 5.27 -64.39 4.31
N ASP A 414 4.21 -65.12 3.95
CA ASP A 414 3.70 -66.22 4.76
C ASP A 414 4.18 -67.59 4.26
N VAL A 415 5.46 -67.88 4.55
CA VAL A 415 6.10 -69.17 4.22
C VAL A 415 5.38 -70.31 4.94
N SER A 416 5.48 -70.28 6.26
CA SER A 416 4.80 -71.25 7.12
C SER A 416 3.76 -70.53 7.98
N GLY A 417 2.73 -71.26 8.41
CA GLY A 417 1.72 -70.71 9.31
C GLY A 417 2.27 -70.44 10.71
N ASP A 418 3.43 -71.02 11.01
CA ASP A 418 4.06 -70.92 12.32
C ASP A 418 4.39 -69.48 12.74
N THR A 419 4.98 -68.70 11.84
CA THR A 419 5.62 -67.42 12.21
C THR A 419 4.88 -66.15 11.76
N VAL A 420 5.11 -65.09 12.53
CA VAL A 420 4.75 -63.73 12.17
C VAL A 420 5.48 -63.33 10.87
N PRO A 421 4.72 -62.99 9.81
CA PRO A 421 5.32 -62.47 8.59
C PRO A 421 6.20 -61.24 8.86
N GLN A 422 7.10 -60.94 7.93
CA GLN A 422 8.18 -59.98 8.15
C GLN A 422 7.74 -58.52 8.21
N SER A 423 6.75 -58.15 7.40
CA SER A 423 6.23 -56.78 7.42
C SER A 423 5.55 -56.51 8.76
N ILE A 424 4.69 -57.43 9.19
CA ILE A 424 4.05 -57.34 10.51
C ILE A 424 5.12 -57.24 11.61
N LEU A 425 6.16 -58.06 11.45
CA LEU A 425 7.31 -58.06 12.34
C LEU A 425 7.96 -56.69 12.35
N THR A 426 8.46 -56.27 11.20
CA THR A 426 9.10 -54.96 11.01
C THR A 426 8.21 -53.83 11.54
N LYS A 427 6.90 -53.95 11.29
CA LYS A 427 5.90 -53.02 11.81
C LYS A 427 5.85 -53.06 13.33
N SER A 428 5.48 -54.21 13.88
CA SER A 428 5.39 -54.40 15.33
C SER A 428 6.57 -53.74 16.03
N ARG A 429 7.76 -53.99 15.49
CA ARG A 429 9.01 -53.39 15.99
C ARG A 429 8.91 -51.88 16.13
N SER A 430 8.47 -51.21 15.06
CA SER A 430 8.34 -49.76 15.06
C SER A 430 7.41 -49.31 16.18
N VAL A 431 6.27 -50.00 16.32
CA VAL A 431 5.23 -49.63 17.27
C VAL A 431 5.73 -49.66 18.70
N ILE A 432 6.57 -50.65 19.01
CA ILE A 432 7.09 -50.83 20.38
C ILE A 432 7.96 -49.65 20.82
N GLU A 433 9.17 -49.55 20.26
CA GLU A 433 10.12 -48.52 20.66
C GLU A 433 9.79 -47.15 20.07
N GLN A 434 8.50 -46.90 19.86
CA GLN A 434 7.98 -45.59 19.49
C GLN A 434 7.21 -45.05 20.70
N GLY A 435 7.26 -45.84 21.76
CA GLY A 435 6.50 -45.60 22.99
C GLY A 435 5.67 -46.83 23.33
N GLY A 436 5.24 -47.55 22.30
CA GLY A 436 4.27 -48.62 22.44
C GLY A 436 2.87 -48.02 22.51
N ILE A 437 1.91 -48.81 22.98
CA ILE A 437 0.57 -48.27 23.26
C ILE A 437 0.69 -47.12 24.26
N GLN A 438 1.74 -47.19 25.09
CA GLN A 438 2.02 -46.21 26.14
C GLN A 438 2.08 -44.75 25.68
N THR A 439 2.55 -44.47 24.47
CA THR A 439 2.54 -43.08 23.97
C THR A 439 1.15 -42.61 23.55
N VAL A 440 0.28 -43.56 23.20
CA VAL A 440 -1.09 -43.25 22.78
C VAL A 440 -1.96 -43.02 24.00
N ASP A 441 -1.77 -43.88 25.01
CA ASP A 441 -2.46 -43.72 26.28
C ASP A 441 -2.04 -42.40 26.91
N GLN A 442 -0.77 -42.06 26.77
CA GLN A 442 -0.22 -40.78 27.26
C GLN A 442 -1.03 -39.64 26.68
N LEU A 443 -1.05 -39.57 25.36
CA LEU A 443 -1.62 -38.45 24.63
C LEU A 443 -3.14 -38.39 24.77
N ILE A 444 -3.77 -39.55 24.77
CA ILE A 444 -5.22 -39.60 24.91
C ILE A 444 -5.67 -39.15 26.31
N LYS A 445 -4.79 -39.33 27.30
CA LYS A 445 -5.06 -38.91 28.68
C LYS A 445 -4.92 -37.40 28.84
N GLU A 446 -3.82 -36.85 28.33
CA GLU A 446 -3.44 -35.48 28.63
C GLU A 446 -4.18 -34.43 27.79
N LEU A 447 -4.76 -34.85 26.67
CA LEU A 447 -5.35 -33.91 25.70
C LEU A 447 -6.59 -33.15 26.23
N PRO A 448 -7.64 -33.86 26.68
CA PRO A 448 -8.76 -33.13 27.28
C PRO A 448 -8.33 -32.22 28.45
N GLU A 449 -7.22 -32.57 29.10
CA GLU A 449 -6.60 -31.72 30.13
C GLU A 449 -6.08 -30.41 29.56
N LEU A 450 -5.36 -30.48 28.44
CA LEU A 450 -4.85 -29.30 27.74
C LEU A 450 -5.99 -28.50 27.10
N LEU A 451 -7.06 -29.20 26.74
CA LEU A 451 -8.30 -28.54 26.33
C LEU A 451 -8.91 -27.79 27.51
N GLN A 452 -8.96 -28.46 28.67
CA GLN A 452 -9.53 -27.88 29.87
C GLN A 452 -8.69 -26.68 30.32
N ARG A 453 -7.37 -26.88 30.33
CA ARG A 453 -6.42 -25.83 30.68
C ARG A 453 -6.80 -24.53 30.02
N ASN A 454 -7.21 -24.59 28.76
CA ASN A 454 -7.57 -23.40 28.00
C ASN A 454 -8.95 -22.85 28.32
N ARG A 455 -9.90 -23.73 28.60
CA ARG A 455 -11.23 -23.29 29.02
C ARG A 455 -11.14 -22.40 30.25
N GLU A 456 -10.25 -22.76 31.18
CA GLU A 456 -10.03 -22.00 32.42
C GLU A 456 -9.36 -20.65 32.13
N ILE A 457 -8.36 -20.66 31.25
CA ILE A 457 -7.67 -19.43 30.86
C ILE A 457 -8.68 -18.47 30.28
N LEU A 458 -9.59 -18.99 29.45
CA LEU A 458 -10.59 -18.17 28.80
C LEU A 458 -11.57 -17.53 29.77
N ASP A 459 -12.18 -18.36 30.61
CA ASP A 459 -13.29 -17.91 31.44
C ASP A 459 -12.87 -17.06 32.64
N GLU A 460 -11.65 -17.24 33.12
CA GLU A 460 -11.06 -16.31 34.08
C GLU A 460 -10.95 -14.93 33.44
N SER A 461 -10.63 -14.91 32.14
CA SER A 461 -10.42 -13.67 31.41
C SER A 461 -11.72 -12.98 31.03
N LEU A 462 -12.77 -13.76 30.79
CA LEU A 462 -14.06 -13.18 30.46
C LEU A 462 -14.78 -12.76 31.74
N ARG A 463 -14.58 -13.55 32.80
CA ARG A 463 -15.14 -13.28 34.12
C ARG A 463 -14.65 -11.90 34.61
N LEU A 464 -13.35 -11.66 34.46
CA LEU A 464 -12.73 -10.37 34.76
C LEU A 464 -13.51 -9.23 34.15
N LEU A 465 -13.84 -9.36 32.87
CA LEU A 465 -14.59 -8.35 32.16
C LEU A 465 -15.99 -8.20 32.72
N ASP A 466 -16.64 -9.34 32.98
CA ASP A 466 -17.98 -9.33 33.53
C ASP A 466 -17.98 -8.76 34.95
N GLU A 467 -16.89 -9.01 35.67
CA GLU A 467 -16.73 -8.48 37.03
C GLU A 467 -16.71 -6.95 37.01
N GLU A 468 -15.75 -6.36 36.30
CA GLU A 468 -15.60 -4.90 36.23
C GLU A 468 -16.87 -4.22 35.75
N GLU A 469 -17.43 -4.71 34.64
CA GLU A 469 -18.65 -4.13 34.07
C GLU A 469 -19.71 -3.92 35.15
N ALA A 470 -19.93 -4.96 35.97
CA ALA A 470 -20.91 -4.91 37.05
C ALA A 470 -20.62 -3.80 38.07
N THR A 471 -19.34 -3.49 38.28
CA THR A 471 -18.95 -2.43 39.19
C THR A 471 -19.25 -1.08 38.58
N ASP A 472 -18.98 -0.95 37.28
CA ASP A 472 -19.26 0.27 36.52
C ASP A 472 -20.70 0.74 36.78
N ASN A 473 -21.62 -0.21 36.74
CA ASN A 473 -23.06 0.07 36.84
C ASN A 473 -23.51 0.55 38.20
N ASP A 474 -23.38 -0.29 39.23
CA ASP A 474 -23.68 0.11 40.60
C ASP A 474 -23.18 1.53 40.89
N LEU A 475 -22.07 1.91 40.27
CA LEU A 475 -21.47 3.22 40.48
C LEU A 475 -22.30 4.37 39.92
N ARG A 476 -22.66 4.28 38.64
CA ARG A 476 -23.46 5.33 38.01
C ARG A 476 -24.85 5.34 38.61
N ALA A 477 -25.47 4.15 38.62
CA ALA A 477 -26.81 3.94 39.18
C ALA A 477 -26.84 4.12 40.70
N LYS A 478 -25.89 4.91 41.23
CA LYS A 478 -25.81 5.29 42.64
C LYS A 478 -24.94 6.53 42.83
N PHE A 479 -24.42 7.11 41.75
CA PHE A 479 -23.59 8.30 41.92
C PHE A 479 -24.02 9.60 41.27
N LYS A 480 -23.63 10.70 41.94
CA LYS A 480 -23.95 12.06 41.55
C LYS A 480 -23.34 12.40 40.18
N GLU A 481 -22.90 11.36 39.50
CA GLU A 481 -22.32 11.41 38.15
C GLU A 481 -21.00 12.17 38.09
N ARG A 482 -20.14 11.88 39.07
CA ARG A 482 -18.71 12.16 39.00
C ARG A 482 -18.12 11.07 38.11
N TRP A 483 -18.68 9.86 38.23
CA TRP A 483 -18.53 8.82 37.22
C TRP A 483 -19.39 9.28 36.04
N GLN A 484 -18.74 9.70 34.96
CA GLN A 484 -19.44 10.02 33.70
C GLN A 484 -18.58 9.73 32.44
N ARG A 485 -17.75 8.69 32.53
CA ARG A 485 -16.91 8.26 31.42
C ARG A 485 -17.34 6.87 30.92
N THR A 486 -17.06 6.61 29.65
CA THR A 486 -17.45 5.40 28.90
C THR A 486 -18.13 4.24 29.66
N PRO A 487 -19.39 3.91 29.30
CA PRO A 487 -20.05 2.71 29.80
C PRO A 487 -19.19 1.51 29.46
N SER A 488 -18.89 0.70 30.46
CA SER A 488 -17.92 -0.36 30.31
C SER A 488 -18.29 -1.41 29.26
N ASN A 489 -19.57 -1.79 29.21
CA ASN A 489 -20.01 -2.80 28.25
C ASN A 489 -19.87 -2.35 26.79
N GLU A 490 -20.07 -1.05 26.55
CA GLU A 490 -19.81 -0.43 25.24
C GLU A 490 -18.32 -0.43 24.93
N LEU A 491 -17.49 -0.41 25.98
CA LEU A 491 -16.04 -0.44 25.85
C LEU A 491 -15.50 -1.86 25.62
N TYR A 492 -16.21 -2.86 26.12
CA TYR A 492 -15.78 -4.25 25.96
C TYR A 492 -16.47 -4.87 24.75
N LYS A 493 -16.38 -4.17 23.62
CA LYS A 493 -16.93 -4.64 22.35
C LYS A 493 -16.08 -5.77 21.75
N PRO A 494 -14.83 -5.48 21.33
CA PRO A 494 -14.13 -6.46 20.50
C PRO A 494 -13.50 -7.61 21.29
N LEU A 495 -13.37 -7.41 22.60
CA LEU A 495 -12.79 -8.41 23.48
C LEU A 495 -13.79 -9.51 23.79
N ARG A 496 -15.08 -9.20 23.66
CA ARG A 496 -16.12 -10.22 23.73
C ARG A 496 -16.35 -10.84 22.35
N ALA A 497 -16.18 -10.03 21.31
CA ALA A 497 -16.21 -10.51 19.93
C ALA A 497 -15.22 -11.66 19.77
N GLU A 498 -14.04 -11.50 20.35
CA GLU A 498 -13.06 -12.56 20.39
C GLU A 498 -13.55 -13.67 21.29
N GLY A 499 -14.05 -13.30 22.47
CA GLY A 499 -14.56 -14.26 23.44
C GLY A 499 -15.50 -15.29 22.85
N THR A 500 -16.54 -14.81 22.15
CA THR A 500 -17.48 -15.65 21.43
C THR A 500 -16.72 -16.59 20.50
N ASN A 501 -15.81 -16.00 19.71
CA ASN A 501 -15.04 -16.76 18.74
C ASN A 501 -14.18 -17.84 19.35
N PHE A 502 -13.46 -17.49 20.41
CA PHE A 502 -12.64 -18.46 21.13
C PHE A 502 -13.46 -19.66 21.62
N ARG A 503 -14.70 -19.39 22.01
CA ARG A 503 -15.62 -20.42 22.46
C ARG A 503 -15.97 -21.39 21.33
N THR A 504 -16.58 -20.86 20.26
CA THR A 504 -16.96 -21.66 19.09
C THR A 504 -15.77 -22.45 18.54
N VAL A 505 -14.57 -21.91 18.75
CA VAL A 505 -13.32 -22.58 18.38
C VAL A 505 -13.04 -23.80 19.26
N LEU A 506 -13.39 -23.69 20.55
CA LEU A 506 -13.21 -24.79 21.50
C LEU A 506 -14.32 -25.83 21.41
N ASP A 507 -15.56 -25.37 21.22
CA ASP A 507 -16.71 -26.26 21.05
C ASP A 507 -16.51 -27.20 19.86
N LYS A 508 -15.96 -26.65 18.78
CA LYS A 508 -15.52 -27.43 17.64
C LYS A 508 -14.40 -28.40 18.05
N ALA A 509 -13.42 -27.89 18.80
CA ALA A 509 -12.24 -28.66 19.19
C ALA A 509 -12.51 -29.82 20.15
N VAL A 510 -13.48 -29.64 21.05
CA VAL A 510 -13.87 -30.69 22.01
C VAL A 510 -14.47 -31.88 21.28
N GLN A 511 -15.56 -31.62 20.55
CA GLN A 511 -16.26 -32.62 19.76
C GLN A 511 -15.30 -33.33 18.81
N ALA A 512 -14.27 -32.61 18.37
CA ALA A 512 -13.28 -33.11 17.42
C ALA A 512 -12.46 -34.28 17.95
N ASP A 513 -12.20 -34.29 19.25
CA ASP A 513 -11.37 -35.31 19.90
C ASP A 513 -12.17 -36.57 20.25
N GLY A 514 -13.46 -36.38 20.52
CA GLY A 514 -14.38 -37.49 20.76
C GLY A 514 -14.53 -38.40 19.55
N GLN A 515 -14.35 -37.83 18.36
CA GLN A 515 -14.32 -38.60 17.11
C GLN A 515 -13.11 -39.52 17.13
N VAL A 516 -12.03 -39.04 17.72
CA VAL A 516 -10.77 -39.78 17.81
C VAL A 516 -10.83 -40.81 18.95
N LYS A 517 -11.25 -40.38 20.14
CA LYS A 517 -11.40 -41.26 21.31
C LYS A 517 -12.23 -42.50 21.01
N GLU A 518 -13.29 -42.32 20.22
CA GLU A 518 -14.15 -43.41 19.79
C GLU A 518 -13.40 -44.35 18.87
N CYS A 519 -12.70 -43.79 17.89
CA CYS A 519 -11.83 -44.57 17.02
C CYS A 519 -10.80 -45.33 17.86
N TYR A 520 -10.19 -44.64 18.81
CA TYR A 520 -9.07 -45.15 19.62
C TYR A 520 -9.40 -46.40 20.43
N GLN A 521 -10.56 -46.40 21.08
CA GLN A 521 -10.98 -47.54 21.89
C GLN A 521 -11.41 -48.75 21.05
N SER A 522 -11.86 -48.51 19.82
CA SER A 522 -12.24 -49.61 18.93
C SER A 522 -11.06 -50.03 18.05
N HIS A 523 -9.85 -49.73 18.50
CA HIS A 523 -8.63 -50.02 17.74
C HIS A 523 -7.42 -50.46 18.60
N ARG A 524 -7.37 -50.00 19.86
CA ARG A 524 -6.21 -50.23 20.72
C ARG A 524 -6.03 -51.67 21.23
N ASP A 525 -7.10 -52.45 21.16
CA ASP A 525 -7.06 -53.86 21.56
C ASP A 525 -6.08 -54.58 20.67
N THR A 526 -6.13 -54.24 19.39
CA THR A 526 -5.32 -54.90 18.40
C THR A 526 -3.89 -54.38 18.45
N ILE A 527 -3.72 -53.14 18.90
CA ILE A 527 -2.40 -52.60 19.18
C ILE A 527 -1.76 -53.39 20.34
N VAL A 528 -2.52 -53.57 21.42
CA VAL A 528 -2.09 -54.40 22.54
C VAL A 528 -1.27 -55.58 22.01
N LEU A 529 -1.72 -56.16 20.91
CA LEU A 529 -1.02 -57.23 20.23
C LEU A 529 0.32 -56.82 19.63
N LEU A 530 0.31 -55.74 18.85
CA LEU A 530 1.52 -55.26 18.19
C LEU A 530 2.68 -55.01 19.14
N CYS A 531 2.38 -54.48 20.32
CA CYS A 531 3.40 -54.10 21.29
C CYS A 531 4.00 -55.29 22.07
N LYS A 532 3.41 -56.47 21.90
CA LYS A 532 3.91 -57.69 22.54
C LYS A 532 5.19 -58.18 21.85
N PRO A 533 6.10 -58.83 22.60
CA PRO A 533 7.28 -59.42 21.97
C PRO A 533 6.89 -60.64 21.17
N GLU A 534 7.72 -61.04 20.20
CA GLU A 534 7.35 -62.12 19.26
C GLU A 534 6.70 -63.34 19.91
N PRO A 535 7.30 -63.90 21.01
CA PRO A 535 6.74 -65.12 21.63
C PRO A 535 5.20 -65.17 21.66
N GLU A 536 4.58 -64.28 22.44
CA GLU A 536 3.13 -64.24 22.62
C GLU A 536 2.43 -63.78 21.35
N LEU A 537 3.02 -62.77 20.69
CA LEU A 537 2.53 -62.24 19.42
C LEU A 537 2.38 -63.34 18.38
N ASN A 538 3.38 -64.22 18.30
CA ASN A 538 3.33 -65.36 17.41
C ASN A 538 2.30 -66.37 17.89
N ALA A 539 2.18 -66.49 19.21
CA ALA A 539 1.26 -67.46 19.82
C ALA A 539 -0.20 -67.07 19.65
N ALA A 540 -0.47 -65.76 19.59
CA ALA A 540 -1.83 -65.25 19.54
C ALA A 540 -2.44 -65.29 18.14
N ILE A 541 -1.61 -65.44 17.13
CA ILE A 541 -2.09 -65.52 15.75
C ILE A 541 -2.34 -66.98 15.36
N PRO A 542 -3.61 -67.29 15.03
CA PRO A 542 -3.98 -68.65 14.62
C PRO A 542 -3.15 -69.14 13.45
N SER A 543 -2.44 -70.25 13.63
CA SER A 543 -1.61 -70.85 12.59
C SER A 543 -2.44 -71.67 11.59
N ALA A 544 -1.99 -71.69 10.33
CA ALA A 544 -2.72 -72.37 9.26
C ALA A 544 -1.80 -73.16 8.33
N ASN A 545 -2.36 -74.16 7.66
CA ASN A 545 -1.62 -74.95 6.67
C ASN A 545 -1.49 -74.19 5.34
N PRO A 546 -0.24 -73.80 5.00
CA PRO A 546 0.04 -72.86 3.90
C PRO A 546 -0.11 -73.45 2.50
N ALA A 547 -0.69 -72.66 1.59
CA ALA A 547 -0.84 -73.05 0.19
C ALA A 547 0.50 -72.98 -0.54
N LYS A 548 0.81 -74.04 -1.30
CA LYS A 548 2.14 -74.22 -1.88
C LYS A 548 2.24 -73.99 -3.39
N THR A 549 1.43 -73.05 -3.90
CA THR A 549 1.63 -72.46 -5.23
C THR A 549 2.30 -71.09 -5.03
N MET A 550 3.10 -71.03 -3.96
CA MET A 550 3.77 -69.83 -3.47
C MET A 550 5.29 -69.98 -3.62
N GLN A 551 5.73 -71.13 -4.12
CA GLN A 551 7.15 -71.45 -4.28
C GLN A 551 7.90 -70.42 -5.16
N GLY A 552 7.16 -69.80 -6.09
CA GLY A 552 7.71 -68.74 -6.95
C GLY A 552 7.07 -68.64 -8.32
N SER A 553 5.74 -68.77 -8.37
CA SER A 553 5.00 -68.63 -9.62
C SER A 553 4.91 -67.16 -10.04
N GLU A 554 4.73 -66.92 -11.33
CA GLU A 554 4.62 -65.55 -11.89
C GLU A 554 3.39 -64.80 -11.38
N VAL A 555 2.44 -65.56 -10.84
CA VAL A 555 1.24 -65.00 -10.21
C VAL A 555 1.61 -64.23 -8.93
N VAL A 556 2.61 -64.74 -8.21
CA VAL A 556 3.02 -64.19 -6.92
C VAL A 556 4.18 -63.19 -7.01
N ASN A 557 5.28 -63.62 -7.64
CA ASN A 557 6.47 -62.77 -7.79
C ASN A 557 6.22 -61.42 -8.44
N VAL A 558 5.23 -61.34 -9.33
CA VAL A 558 4.83 -60.09 -9.97
C VAL A 558 4.29 -59.09 -8.94
N LEU A 559 3.51 -59.60 -7.98
CA LEU A 559 2.95 -58.77 -6.93
C LEU A 559 4.04 -58.17 -6.03
N LYS A 560 5.06 -58.97 -5.72
CA LYS A 560 6.19 -58.53 -4.89
C LYS A 560 6.92 -57.31 -5.48
N SER A 561 7.00 -57.25 -6.82
CA SER A 561 7.63 -56.13 -7.51
C SER A 561 6.69 -54.93 -7.65
N LEU A 562 5.39 -55.17 -7.50
CA LEU A 562 4.42 -54.08 -7.39
C LEU A 562 4.49 -53.50 -5.98
N LEU A 563 4.60 -54.41 -5.01
CA LEU A 563 4.73 -54.04 -3.60
C LEU A 563 6.17 -53.83 -3.16
N SER A 564 7.00 -53.42 -4.12
CA SER A 564 8.34 -52.92 -3.85
C SER A 564 8.47 -51.59 -4.57
N ASN A 565 7.61 -51.39 -5.57
CA ASN A 565 7.55 -50.14 -6.31
C ASN A 565 6.55 -49.18 -5.68
N LEU A 566 5.37 -49.68 -5.31
CA LEU A 566 4.41 -48.92 -4.50
C LEU A 566 4.95 -48.73 -3.08
N ASP A 567 5.83 -49.63 -2.67
CA ASP A 567 6.55 -49.53 -1.41
C ASP A 567 7.45 -48.28 -1.37
N GLU A 568 8.12 -48.01 -2.49
CA GLU A 568 9.02 -46.87 -2.59
C GLU A 568 8.28 -45.58 -2.95
N VAL A 569 7.25 -45.70 -3.79
CA VAL A 569 6.47 -44.53 -4.22
C VAL A 569 5.92 -43.73 -3.03
N LYS A 570 5.38 -44.42 -2.03
CA LYS A 570 4.87 -43.73 -0.83
C LYS A 570 5.98 -43.31 0.14
N LYS A 571 7.12 -43.99 0.05
CA LYS A 571 8.31 -43.64 0.82
C LYS A 571 8.95 -42.35 0.30
N GLU A 572 8.70 -42.03 -0.97
CA GLU A 572 9.25 -40.83 -1.57
C GLU A 572 8.48 -39.57 -1.15
N ARG A 573 7.21 -39.74 -0.82
CA ARG A 573 6.32 -38.61 -0.49
C ARG A 573 6.80 -37.80 0.70
N GLU A 574 7.60 -38.42 1.56
CA GLU A 574 8.18 -37.71 2.71
C GLU A 574 9.13 -36.61 2.24
N GLY A 575 10.10 -36.98 1.41
CA GLY A 575 11.06 -36.05 0.85
C GLY A 575 10.42 -34.86 0.17
N LEU A 576 9.29 -35.09 -0.48
CA LEU A 576 8.53 -34.02 -1.13
C LEU A 576 7.85 -33.13 -0.12
N GLU A 577 7.06 -33.72 0.77
CA GLU A 577 6.38 -33.00 1.83
C GLU A 577 7.39 -32.14 2.60
N ASN A 578 8.63 -32.60 2.63
CA ASN A 578 9.71 -31.86 3.27
C ASN A 578 10.19 -30.68 2.45
N ASP A 579 10.43 -30.91 1.16
CA ASP A 579 10.96 -29.86 0.28
C ASP A 579 9.90 -28.80 -0.04
N LEU A 580 8.65 -29.21 0.03
CA LEU A 580 7.53 -28.30 -0.12
C LEU A 580 7.44 -27.37 1.08
N LYS A 581 7.67 -27.93 2.27
CA LYS A 581 7.72 -27.17 3.51
C LYS A 581 8.95 -26.27 3.58
N SER A 582 10.10 -26.80 3.16
CA SER A 582 11.39 -26.16 3.39
C SER A 582 11.65 -24.91 2.54
N VAL A 583 11.10 -24.90 1.33
CA VAL A 583 11.33 -23.80 0.40
C VAL A 583 10.58 -22.54 0.85
N ASN A 584 11.32 -21.43 0.92
CA ASN A 584 10.74 -20.10 1.11
C ASN A 584 11.42 -19.15 0.15
N PHE A 585 10.62 -18.39 -0.59
CA PHE A 585 11.18 -17.42 -1.50
C PHE A 585 10.78 -16.01 -1.13
N ASP A 586 11.78 -15.17 -0.89
CA ASP A 586 11.58 -13.78 -0.45
C ASP A 586 11.12 -12.90 -1.61
N MET A 587 9.81 -12.73 -1.73
CA MET A 587 9.23 -12.03 -2.86
C MET A 587 9.39 -10.51 -2.83
N THR A 588 9.67 -9.96 -1.65
CA THR A 588 9.73 -8.52 -1.42
C THR A 588 10.46 -7.76 -2.54
N SER A 589 11.73 -8.08 -2.77
CA SER A 589 12.55 -7.39 -3.75
C SER A 589 12.09 -7.52 -5.19
N LYS A 590 11.26 -8.52 -5.46
CA LYS A 590 10.74 -8.71 -6.83
C LYS A 590 9.53 -7.82 -7.11
N PHE A 591 8.72 -7.55 -6.09
CA PHE A 591 7.63 -6.58 -6.17
C PHE A 591 8.21 -5.18 -6.17
N LEU A 592 9.12 -4.93 -5.22
CA LEU A 592 9.79 -3.63 -5.04
C LEU A 592 10.42 -3.12 -6.34
N THR A 593 11.03 -4.03 -7.09
CA THR A 593 11.62 -3.70 -8.39
C THR A 593 10.53 -3.38 -9.42
N ALA A 594 9.41 -4.10 -9.35
CA ALA A 594 8.32 -3.95 -10.31
C ALA A 594 7.35 -2.78 -10.03
N LEU A 595 7.49 -2.16 -8.86
CA LEU A 595 6.70 -0.97 -8.52
C LEU A 595 7.49 0.31 -8.79
N ALA A 596 8.82 0.22 -8.67
CA ALA A 596 9.71 1.34 -8.99
C ALA A 596 9.91 1.44 -10.50
N GLN A 597 9.79 0.31 -11.19
CA GLN A 597 9.92 0.27 -12.64
C GLN A 597 8.59 0.63 -13.32
N ASP A 598 7.49 0.04 -12.85
CA ASP A 598 6.16 0.25 -13.43
C ASP A 598 5.18 0.98 -12.50
N GLY A 599 4.02 1.34 -13.03
CA GLY A 599 2.98 2.10 -12.30
C GLY A 599 2.65 1.50 -10.94
N VAL A 600 1.62 0.65 -10.90
CA VAL A 600 1.32 -0.13 -9.71
C VAL A 600 1.86 -1.54 -9.96
N ILE A 601 1.32 -2.54 -9.26
CA ILE A 601 1.70 -3.94 -9.50
C ILE A 601 0.52 -4.90 -9.52
N ASN A 602 0.41 -5.66 -10.61
CA ASN A 602 -0.56 -6.76 -10.69
C ASN A 602 0.12 -8.04 -10.22
N GLU A 603 -0.33 -8.55 -9.09
CA GLU A 603 0.33 -9.68 -8.44
C GLU A 603 0.10 -11.03 -9.14
N GLU A 604 -1.11 -11.29 -9.61
CA GLU A 604 -1.43 -12.59 -10.21
C GLU A 604 -0.54 -12.92 -11.41
N ALA A 605 -0.31 -11.93 -12.27
CA ALA A 605 0.52 -12.13 -13.46
C ALA A 605 1.95 -12.57 -13.11
N LEU A 606 2.43 -12.12 -11.96
CA LEU A 606 3.82 -12.36 -11.56
C LEU A 606 3.99 -13.56 -10.64
N SER A 607 3.11 -13.67 -9.64
CA SER A 607 3.17 -14.73 -8.62
C SER A 607 2.92 -16.12 -9.18
N VAL A 608 1.86 -16.26 -9.98
CA VAL A 608 1.50 -17.53 -10.61
C VAL A 608 2.68 -18.11 -11.39
N THR A 609 3.31 -17.28 -12.21
CA THR A 609 4.42 -17.70 -13.06
C THR A 609 5.71 -17.88 -12.27
N GLU A 610 5.78 -17.22 -11.11
CA GLU A 610 6.88 -17.43 -10.18
C GLU A 610 6.69 -18.74 -9.43
N LEU A 611 5.46 -19.02 -9.01
CA LEU A 611 5.14 -20.22 -8.23
C LEU A 611 5.37 -21.50 -9.03
N ASP A 612 4.74 -21.60 -10.20
CA ASP A 612 4.92 -22.77 -11.07
C ASP A 612 6.34 -22.82 -11.66
N ARG A 613 7.21 -22.01 -11.06
CA ARG A 613 8.63 -21.94 -11.36
C ARG A 613 9.42 -22.35 -10.11
N VAL A 614 9.05 -21.78 -8.97
CA VAL A 614 9.68 -22.10 -7.68
C VAL A 614 9.29 -23.51 -7.23
N TYR A 615 7.99 -23.79 -7.25
CA TYR A 615 7.46 -25.08 -6.82
C TYR A 615 7.16 -26.00 -7.99
N GLY A 616 6.90 -25.42 -9.17
CA GLY A 616 6.55 -26.17 -10.38
C GLY A 616 7.17 -27.54 -10.58
N GLY A 617 8.44 -27.68 -10.20
CA GLY A 617 9.16 -28.95 -10.36
C GLY A 617 8.68 -30.04 -9.42
N LEU A 618 7.84 -29.65 -8.45
CA LEU A 618 7.28 -30.58 -7.48
C LEU A 618 5.82 -30.89 -7.75
N THR A 619 5.04 -29.89 -8.16
CA THR A 619 3.63 -30.11 -8.49
C THR A 619 3.45 -31.25 -9.50
N THR A 620 4.28 -31.26 -10.54
CA THR A 620 4.29 -32.34 -11.52
C THR A 620 4.74 -33.64 -10.87
N LYS A 621 5.77 -33.57 -10.03
CA LYS A 621 6.24 -34.72 -9.25
C LYS A 621 5.14 -35.27 -8.34
N VAL A 622 4.26 -34.38 -7.91
CA VAL A 622 3.16 -34.75 -7.02
C VAL A 622 2.06 -35.49 -7.81
N GLN A 623 1.69 -34.94 -8.97
CA GLN A 623 0.69 -35.58 -9.83
C GLN A 623 1.25 -36.89 -10.41
N GLU A 624 2.58 -36.98 -10.49
CA GLU A 624 3.27 -38.20 -10.90
C GLU A 624 3.08 -39.32 -9.88
N SER A 625 3.02 -38.95 -8.61
CA SER A 625 2.81 -39.90 -7.52
C SER A 625 1.37 -40.42 -7.49
N LEU A 626 0.42 -39.50 -7.52
CA LEU A 626 -1.02 -39.81 -7.40
C LEU A 626 -1.54 -40.66 -8.55
N LYS A 627 -1.26 -40.21 -9.77
CA LYS A 627 -1.72 -40.91 -10.97
C LYS A 627 -1.00 -42.23 -11.20
N LYS A 628 0.20 -42.38 -10.65
CA LYS A 628 0.91 -43.67 -10.72
C LYS A 628 0.24 -44.71 -9.82
N GLN A 629 -0.27 -44.27 -8.68
CA GLN A 629 -1.00 -45.12 -7.74
C GLN A 629 -2.27 -45.70 -8.37
N GLU A 630 -3.10 -44.83 -8.95
CA GLU A 630 -4.29 -45.28 -9.67
C GLU A 630 -3.97 -46.44 -10.61
N GLY A 631 -2.80 -46.36 -11.23
CA GLY A 631 -2.25 -47.48 -11.98
C GLY A 631 -1.91 -48.68 -11.10
N LEU A 632 -1.04 -48.47 -10.12
CA LEU A 632 -0.49 -49.56 -9.29
C LEU A 632 -1.53 -50.34 -8.48
N LEU A 633 -2.62 -49.70 -8.09
CA LEU A 633 -3.67 -50.36 -7.32
C LEU A 633 -4.63 -51.18 -8.20
N LYS A 634 -4.96 -50.64 -9.37
CA LYS A 634 -5.81 -51.36 -10.33
C LYS A 634 -5.08 -52.59 -10.85
N ASN A 635 -3.77 -52.45 -11.07
CA ASN A 635 -2.90 -53.57 -11.43
C ASN A 635 -2.48 -54.38 -10.20
N ILE A 636 -3.36 -54.38 -9.20
CA ILE A 636 -3.21 -55.20 -8.00
C ILE A 636 -4.57 -55.81 -7.67
N GLN A 637 -5.63 -55.02 -7.87
CA GLN A 637 -7.01 -55.48 -7.72
C GLN A 637 -7.32 -56.63 -8.69
N VAL A 638 -6.82 -56.51 -9.92
CA VAL A 638 -7.01 -57.53 -10.96
C VAL A 638 -6.02 -58.68 -10.81
N SER A 639 -4.91 -58.42 -10.12
CA SER A 639 -3.88 -59.44 -9.87
C SER A 639 -4.17 -60.33 -8.65
N HIS A 640 -4.79 -59.74 -7.63
CA HIS A 640 -5.21 -60.48 -6.44
C HIS A 640 -6.36 -61.42 -6.80
N GLN A 641 -7.17 -61.00 -7.77
CA GLN A 641 -8.20 -61.83 -8.39
C GLN A 641 -7.65 -63.25 -8.65
N GLU A 642 -6.50 -63.29 -9.33
CA GLU A 642 -5.85 -64.55 -9.75
C GLU A 642 -5.21 -65.32 -8.59
N PHE A 643 -4.56 -64.59 -7.67
CA PHE A 643 -3.93 -65.22 -6.51
C PHE A 643 -4.95 -65.82 -5.52
N SER A 644 -6.18 -65.29 -5.55
CA SER A 644 -7.27 -65.77 -4.71
C SER A 644 -7.55 -67.27 -4.86
N LYS A 645 -7.40 -67.78 -6.09
CA LYS A 645 -7.66 -69.17 -6.38
C LYS A 645 -6.45 -70.05 -6.02
N MET A 646 -5.27 -69.65 -6.50
CA MET A 646 -4.04 -70.43 -6.32
C MET A 646 -3.58 -70.61 -4.87
N LYS A 647 -4.09 -69.76 -3.97
CA LYS A 647 -3.92 -69.93 -2.53
C LYS A 647 -5.29 -70.08 -1.89
N GLN A 648 -5.55 -71.25 -1.29
CA GLN A 648 -6.86 -71.51 -0.67
C GLN A 648 -6.83 -72.36 0.60
N SER A 649 -7.93 -72.26 1.35
CA SER A 649 -8.24 -73.13 2.49
C SER A 649 -9.70 -72.87 2.90
N ASN A 650 -10.19 -73.60 3.89
CA ASN A 650 -11.58 -73.43 4.35
C ASN A 650 -11.74 -72.57 5.61
N ASN A 651 -11.37 -73.12 6.76
CA ASN A 651 -11.53 -72.41 8.03
C ASN A 651 -10.22 -72.22 8.79
N GLU A 652 -9.23 -73.05 8.47
CA GLU A 652 -7.92 -73.00 9.13
C GLU A 652 -7.16 -71.71 8.85
N ALA A 653 -7.29 -71.18 7.64
CA ALA A 653 -6.62 -69.94 7.23
C ALA A 653 -7.53 -68.71 7.24
N ASN A 654 -8.84 -68.93 7.11
CA ASN A 654 -9.85 -67.86 7.19
C ASN A 654 -9.72 -67.04 8.45
N LEU A 655 -9.27 -67.67 9.53
CA LEU A 655 -8.90 -66.96 10.74
C LEU A 655 -7.60 -66.21 10.53
N ARG A 656 -6.52 -66.94 10.24
CA ARG A 656 -5.20 -66.37 10.03
C ARG A 656 -5.25 -65.12 9.13
N GLU A 657 -5.80 -65.31 7.93
CA GLU A 657 -6.02 -64.21 6.99
C GLU A 657 -6.73 -63.01 7.65
N GLU A 658 -7.96 -63.20 8.11
CA GLU A 658 -8.77 -62.09 8.61
C GLU A 658 -8.34 -61.62 10.01
N VAL A 659 -7.15 -62.03 10.43
CA VAL A 659 -6.53 -61.51 11.63
C VAL A 659 -5.44 -60.53 11.21
N LEU A 660 -4.62 -60.98 10.27
CA LEU A 660 -3.49 -60.20 9.74
C LEU A 660 -3.96 -58.95 9.00
N LYS A 661 -5.16 -59.03 8.40
CA LYS A 661 -5.81 -57.88 7.80
C LYS A 661 -6.06 -56.88 8.90
N ASN A 662 -6.44 -57.36 10.08
CA ASN A 662 -6.81 -56.48 11.17
C ASN A 662 -5.60 -55.91 11.91
N LEU A 663 -4.47 -56.61 11.82
CA LEU A 663 -3.22 -56.11 12.39
C LEU A 663 -2.54 -55.08 11.49
N ALA A 664 -2.59 -55.32 10.19
CA ALA A 664 -2.17 -54.34 9.20
C ALA A 664 -2.90 -53.05 9.48
N THR A 665 -4.23 -53.14 9.59
CA THR A 665 -5.07 -51.98 9.88
C THR A 665 -4.63 -51.37 11.21
N ALA A 666 -4.40 -52.25 12.18
CA ALA A 666 -4.00 -51.85 13.53
C ALA A 666 -2.79 -50.95 13.54
N TYR A 667 -1.75 -51.33 12.79
CA TYR A 667 -0.56 -50.50 12.65
C TYR A 667 -0.91 -49.14 12.07
N ASP A 668 -1.56 -49.16 10.92
CA ASP A 668 -1.95 -47.93 10.23
C ASP A 668 -2.63 -47.02 11.22
N ASN A 669 -3.62 -47.56 11.92
CA ASN A 669 -4.40 -46.80 12.88
C ASN A 669 -3.53 -46.18 13.95
N PHE A 670 -2.47 -46.88 14.32
CA PHE A 670 -1.52 -46.38 15.30
C PHE A 670 -0.80 -45.13 14.77
N VAL A 671 -0.16 -45.25 13.61
CA VAL A 671 0.58 -44.14 13.01
C VAL A 671 -0.40 -43.02 12.69
N GLU A 672 -1.55 -43.41 12.16
CA GLU A 672 -2.59 -42.46 11.77
C GLU A 672 -3.11 -41.72 13.00
N LEU A 673 -2.89 -42.31 14.17
CA LEU A 673 -3.39 -41.77 15.43
C LEU A 673 -2.36 -40.93 16.17
N VAL A 674 -1.11 -41.41 16.21
CA VAL A 674 -0.02 -40.66 16.84
C VAL A 674 0.24 -39.36 16.08
N ALA A 675 0.59 -39.48 14.80
CA ALA A 675 0.88 -38.32 13.95
C ALA A 675 -0.27 -37.31 13.98
N ASN A 676 -1.44 -37.78 14.36
CA ASN A 676 -2.62 -36.94 14.47
C ASN A 676 -2.68 -36.21 15.80
N LEU A 677 -2.41 -36.93 16.89
CA LEU A 677 -2.45 -36.35 18.24
C LEU A 677 -1.28 -35.41 18.54
N LYS A 678 -0.10 -35.72 18.01
CA LYS A 678 1.08 -34.84 18.14
C LYS A 678 0.79 -33.53 17.44
N GLU A 679 0.32 -33.63 16.21
CA GLU A 679 -0.11 -32.49 15.42
C GLU A 679 -1.32 -31.79 16.05
N GLY A 680 -2.07 -32.53 16.87
CA GLY A 680 -3.19 -31.96 17.62
C GLY A 680 -2.74 -31.16 18.82
N THR A 681 -1.97 -31.80 19.69
CA THR A 681 -1.40 -31.17 20.88
C THR A 681 -0.56 -29.97 20.48
N LYS A 682 0.33 -30.16 19.50
CA LYS A 682 1.20 -29.09 19.02
C LYS A 682 0.40 -27.99 18.33
N PHE A 683 -0.92 -28.04 18.47
CA PHE A 683 -1.80 -26.94 18.09
C PHE A 683 -2.47 -26.30 19.30
N TYR A 684 -2.96 -27.12 20.23
CA TYR A 684 -3.61 -26.58 21.42
C TYR A 684 -2.61 -25.95 22.39
N ASN A 685 -1.36 -26.42 22.34
CA ASN A 685 -0.26 -25.77 23.05
C ASN A 685 0.05 -24.41 22.47
N GLU A 686 -0.06 -24.29 21.15
CA GLU A 686 0.10 -23.02 20.46
C GLU A 686 -1.06 -22.07 20.80
N LEU A 687 -2.21 -22.64 21.14
CA LEU A 687 -3.38 -21.85 21.54
C LEU A 687 -3.24 -21.30 22.95
N THR A 688 -2.75 -22.12 23.87
CA THR A 688 -2.52 -21.70 25.26
C THR A 688 -1.87 -20.33 25.27
N GLU A 689 -0.80 -20.20 24.49
CA GLU A 689 -0.01 -18.97 24.42
C GLU A 689 -0.77 -17.80 23.78
N ILE A 690 -1.59 -18.09 22.77
CA ILE A 690 -2.42 -17.04 22.14
C ILE A 690 -3.47 -16.55 23.15
N LEU A 691 -3.81 -17.41 24.09
CA LEU A 691 -4.77 -17.09 25.15
C LEU A 691 -4.15 -16.42 26.37
N VAL A 692 -2.83 -16.57 26.53
CA VAL A 692 -2.09 -15.84 27.56
C VAL A 692 -2.13 -14.35 27.22
N ARG A 693 -1.86 -14.03 25.95
CA ARG A 693 -1.99 -12.65 25.46
C ARG A 693 -3.35 -12.15 25.93
N PHE A 694 -4.36 -12.96 25.66
CA PHE A 694 -5.73 -12.59 25.91
C PHE A 694 -6.06 -12.44 27.39
N GLN A 695 -5.50 -13.30 28.24
CA GLN A 695 -5.69 -13.15 29.67
C GLN A 695 -5.11 -11.80 30.12
N ASN A 696 -3.87 -11.52 29.72
CA ASN A 696 -3.20 -10.29 30.06
C ASN A 696 -3.87 -9.04 29.47
N LYS A 697 -4.39 -9.17 28.24
CA LYS A 697 -5.01 -8.04 27.55
C LYS A 697 -6.26 -7.56 28.26
N CYS A 698 -7.10 -8.50 28.72
CA CYS A 698 -8.30 -8.16 29.48
C CYS A 698 -7.91 -7.55 30.81
N SER A 699 -6.88 -8.12 31.43
CA SER A 699 -6.34 -7.66 32.71
C SER A 699 -5.83 -6.22 32.62
N ASP A 700 -5.12 -5.92 31.53
CA ASP A 700 -4.59 -4.58 31.27
C ASP A 700 -5.66 -3.55 30.92
N ILE A 701 -6.81 -4.02 30.45
CA ILE A 701 -7.93 -3.12 30.14
C ILE A 701 -8.80 -2.85 31.38
N VAL A 702 -8.83 -3.79 32.32
CA VAL A 702 -9.46 -3.54 33.61
C VAL A 702 -8.46 -2.82 34.52
N PHE A 703 -7.20 -2.75 34.07
CA PHE A 703 -6.19 -1.90 34.71
C PHE A 703 -6.13 -0.52 34.01
N ALA A 704 -6.61 -0.46 32.76
CA ALA A 704 -6.72 0.82 32.04
C ALA A 704 -7.79 1.72 32.65
N ARG A 705 -8.69 1.12 33.42
CA ARG A 705 -9.75 1.83 34.15
C ARG A 705 -9.26 2.32 35.53
#